data_2ESN
#
_entry.id   2ESN
#
_cell.length_a   97.035
_cell.length_b   171.209
_cell.length_c   86.780
_cell.angle_alpha   90.00
_cell.angle_beta   90.00
_cell.angle_gamma   90.00
#
_symmetry.space_group_name_H-M   'P 21 21 2'
#
loop_
_entity.id
_entity.type
_entity.pdbx_description
1 polymer 'probable transcriptional regulator'
2 water water
#
_entity_poly.entity_id   1
_entity_poly.type   'polypeptide(L)'
_entity_poly.pdbx_seq_one_letter_code
;GHMHPLLRRLDLNLLLVFDALYRHRNVGTAASELAISASAFSHALGRLRQGLDDELFLRQGNRMQPTQRAEHLAAAVAAA
LRALGEGLEEWRPFVPGQSQRTFVFAATDYTAFALLPPLMNRLQHSAPGVRLRLVNAERKLSVEALASGRIDFALGYDEE
HERLPEGIQAHDWFADRYVVVARRDHPRLAGAPTLEGYLAERHAVVTPWNEDSGVIDRLLARSGLRREVAVQLPTVLAAL
FLAGSTDFLLTAPRHAARALAEAAGLALYPAPFDIPPYVLRLYSHVQHVGRDAHAWMIGQLKGLDISRTG
;
_entity_poly.pdbx_strand_id   A,C,B,D
#
# COMPACT_ATOMS: atom_id res chain seq x y z
N PRO A 5 -6.01 -15.37 -28.12
CA PRO A 5 -6.85 -16.41 -28.69
C PRO A 5 -7.43 -16.03 -30.05
N LEU A 6 -7.77 -14.77 -30.23
CA LEU A 6 -8.12 -14.26 -31.56
C LEU A 6 -7.32 -12.97 -31.83
N LEU A 7 -6.69 -12.50 -30.76
CA LEU A 7 -5.84 -11.38 -30.78
C LEU A 7 -4.50 -11.81 -31.38
N ARG A 8 -4.11 -13.06 -31.15
CA ARG A 8 -2.82 -13.50 -31.66
C ARG A 8 -2.90 -13.84 -33.14
N ARG A 9 -4.10 -14.02 -33.69
CA ARG A 9 -4.24 -14.40 -35.12
C ARG A 9 -4.27 -13.14 -35.95
N LEU A 10 -4.84 -12.09 -35.37
CA LEU A 10 -5.02 -10.79 -35.99
C LEU A 10 -3.67 -10.08 -36.21
N ASP A 11 -3.37 -9.66 -37.46
CA ASP A 11 -2.31 -8.71 -37.69
C ASP A 11 -2.65 -7.31 -37.06
N LEU A 12 -2.14 -7.11 -35.85
CA LEU A 12 -2.47 -5.88 -35.08
C LEU A 12 -2.09 -4.56 -35.80
N ASN A 13 -1.09 -4.55 -36.67
CA ASN A 13 -0.81 -3.36 -37.49
C ASN A 13 -1.99 -2.89 -38.33
N LEU A 14 -2.87 -3.81 -38.65
CA LEU A 14 -4.07 -3.46 -39.43
C LEU A 14 -5.06 -2.58 -38.65
N LEU A 15 -4.96 -2.61 -37.33
CA LEU A 15 -5.80 -1.78 -36.45
C LEU A 15 -5.60 -0.28 -36.70
N LEU A 16 -4.42 0.11 -37.18
CA LEU A 16 -4.14 1.52 -37.51
C LEU A 16 -5.01 1.89 -38.72
N VAL A 17 -5.13 0.92 -39.64
CA VAL A 17 -5.96 1.05 -40.84
C VAL A 17 -7.44 1.18 -40.46
N PHE A 18 -7.97 0.27 -39.64
CA PHE A 18 -9.31 0.41 -39.12
C PHE A 18 -9.51 1.78 -38.51
N ASP A 19 -8.58 2.20 -37.64
CA ASP A 19 -8.74 3.40 -36.83
C ASP A 19 -8.73 4.64 -37.71
N ALA A 20 -7.70 4.83 -38.56
CA ALA A 20 -7.78 5.92 -39.55
C ALA A 20 -9.10 5.95 -40.37
N LEU A 21 -9.56 4.81 -40.86
CA LEU A 21 -10.74 4.77 -41.71
C LEU A 21 -11.99 5.12 -40.93
N TYR A 22 -12.08 4.68 -39.68
CA TYR A 22 -13.28 4.98 -38.86
C TYR A 22 -13.36 6.50 -38.56
N ARG A 23 -12.20 7.09 -38.31
CA ARG A 23 -12.06 8.50 -38.04
C ARG A 23 -12.32 9.31 -39.30
N HIS A 24 -11.65 8.98 -40.42
CA HIS A 24 -11.75 9.76 -41.65
C HIS A 24 -12.98 9.50 -42.54
N ARG A 25 -13.56 8.29 -42.48
CA ARG A 25 -14.67 7.81 -43.36
C ARG A 25 -14.48 7.93 -44.86
N ASN A 26 -13.22 7.86 -45.26
CA ASN A 26 -12.80 8.04 -46.62
C ASN A 26 -11.40 7.42 -46.72
N VAL A 27 -11.20 6.59 -47.75
CA VAL A 27 -9.93 5.93 -47.97
C VAL A 27 -8.73 6.86 -48.32
N GLY A 28 -8.87 7.76 -49.31
CA GLY A 28 -7.76 8.69 -49.68
C GLY A 28 -7.19 9.46 -48.48
N THR A 29 -8.07 10.05 -47.69
CA THR A 29 -7.61 10.79 -46.49
C THR A 29 -6.97 9.95 -45.38
N ALA A 30 -7.52 8.75 -45.12
CA ALA A 30 -6.97 7.80 -44.11
C ALA A 30 -5.58 7.30 -44.53
N ALA A 31 -5.43 7.02 -45.83
CA ALA A 31 -4.18 6.58 -46.44
C ALA A 31 -3.12 7.65 -46.33
N SER A 32 -3.56 8.87 -46.59
CA SER A 32 -2.74 10.06 -46.44
C SER A 32 -2.23 10.23 -45.01
N GLU A 33 -3.12 10.21 -44.01
CA GLU A 33 -2.64 10.18 -42.61
C GLU A 33 -1.55 9.10 -42.34
N LEU A 34 -1.77 7.86 -42.84
CA LEU A 34 -0.79 6.77 -42.63
C LEU A 34 0.40 6.80 -43.61
N ALA A 35 0.36 7.67 -44.62
CA ALA A 35 1.51 7.88 -45.45
C ALA A 35 1.74 6.67 -46.35
N ILE A 36 0.66 6.08 -46.86
CA ILE A 36 0.81 5.04 -47.84
C ILE A 36 -0.09 5.40 -49.01
N SER A 37 0.13 4.74 -50.14
CA SER A 37 -0.68 4.98 -51.30
C SER A 37 -2.08 4.41 -51.06
N ALA A 38 -3.01 4.79 -51.92
CA ALA A 38 -4.40 4.50 -51.74
C ALA A 38 -4.64 2.98 -51.99
N SER A 39 -3.86 2.46 -52.93
CA SER A 39 -3.68 1.05 -53.26
C SER A 39 -3.18 0.22 -52.07
N ALA A 40 -2.03 0.61 -51.52
CA ALA A 40 -1.57 0.03 -50.28
C ALA A 40 -2.69 -0.04 -49.21
N PHE A 41 -3.40 1.08 -49.04
CA PHE A 41 -4.41 1.19 -48.03
C PHE A 41 -5.53 0.23 -48.34
N SER A 42 -5.98 0.22 -49.61
CA SER A 42 -7.09 -0.63 -50.03
C SER A 42 -6.76 -2.12 -49.80
N HIS A 43 -5.54 -2.54 -50.12
CA HIS A 43 -5.08 -3.90 -49.83
C HIS A 43 -5.06 -4.26 -48.31
N ALA A 44 -4.74 -3.28 -47.43
CA ALA A 44 -4.70 -3.50 -46.00
C ALA A 44 -6.07 -3.64 -45.48
N LEU A 45 -6.97 -2.84 -46.06
CA LEU A 45 -8.39 -2.91 -45.80
C LEU A 45 -8.98 -4.27 -46.10
N GLY A 46 -8.69 -4.81 -47.28
CA GLY A 46 -9.08 -6.17 -47.69
C GLY A 46 -8.52 -7.22 -46.74
N ARG A 47 -7.27 -7.06 -46.26
CA ARG A 47 -6.69 -7.98 -45.27
C ARG A 47 -7.49 -7.99 -43.95
N LEU A 48 -7.86 -6.79 -43.49
CA LEU A 48 -8.58 -6.58 -42.25
C LEU A 48 -9.97 -7.12 -42.42
N ARG A 49 -10.59 -6.89 -43.57
CA ARG A 49 -11.90 -7.50 -43.78
C ARG A 49 -11.87 -9.03 -43.62
N GLN A 50 -10.78 -9.63 -44.08
CA GLN A 50 -10.60 -11.08 -43.94
C GLN A 50 -10.29 -11.44 -42.49
N GLY A 51 -9.48 -10.63 -41.83
CA GLY A 51 -9.06 -10.93 -40.44
C GLY A 51 -10.21 -10.86 -39.45
N LEU A 52 -11.23 -10.03 -39.78
CA LEU A 52 -12.40 -9.89 -38.92
C LEU A 52 -13.62 -10.47 -39.55
N ASP A 53 -13.49 -11.00 -40.78
CA ASP A 53 -14.60 -11.64 -41.44
C ASP A 53 -15.85 -10.71 -41.40
N ASP A 54 -15.65 -9.48 -41.86
CA ASP A 54 -16.71 -8.47 -41.91
C ASP A 54 -16.34 -7.45 -42.98
N GLU A 55 -17.36 -6.89 -43.63
CA GLU A 55 -17.16 -5.79 -44.62
C GLU A 55 -16.54 -4.56 -44.00
N LEU A 56 -16.92 -4.35 -42.75
CA LEU A 56 -16.38 -3.28 -41.88
C LEU A 56 -16.88 -1.84 -42.25
N PHE A 57 -16.72 -1.49 -43.52
CA PHE A 57 -17.14 -0.18 -44.03
C PHE A 57 -17.77 -0.43 -45.36
N LEU A 58 -18.99 0.09 -45.50
CA LEU A 58 -19.78 0.03 -46.75
C LEU A 58 -19.48 1.26 -47.60
N ARG A 59 -19.14 1.08 -48.87
CA ARG A 59 -18.83 2.20 -49.77
C ARG A 59 -20.02 2.74 -50.59
N GLN A 60 -20.28 4.05 -50.45
CA GLN A 60 -21.27 4.79 -51.28
C GLN A 60 -20.58 5.94 -52.03
N GLY A 61 -20.14 5.66 -53.26
CA GLY A 61 -19.27 6.56 -54.01
C GLY A 61 -17.89 6.43 -53.41
N ASN A 62 -17.44 7.44 -52.69
CA ASN A 62 -16.24 7.34 -51.90
C ASN A 62 -16.49 7.54 -50.37
N ARG A 63 -17.76 7.61 -49.97
CA ARG A 63 -18.13 7.64 -48.58
C ARG A 63 -18.03 6.18 -48.09
N MET A 64 -17.63 6.05 -46.84
CA MET A 64 -17.30 4.75 -46.23
C MET A 64 -18.05 4.69 -44.94
N GLN A 65 -19.07 3.84 -44.88
CA GLN A 65 -19.93 3.77 -43.71
C GLN A 65 -19.70 2.46 -42.90
N PRO A 66 -19.41 2.59 -41.56
CA PRO A 66 -19.14 1.41 -40.73
C PRO A 66 -20.33 0.50 -40.71
N THR A 67 -20.05 -0.82 -40.74
CA THR A 67 -21.04 -1.80 -40.39
C THR A 67 -21.33 -1.68 -38.92
N GLN A 68 -22.36 -2.41 -38.48
CA GLN A 68 -22.69 -2.49 -37.06
C GLN A 68 -21.54 -3.04 -36.19
N ARG A 69 -20.89 -4.12 -36.62
CA ARG A 69 -19.74 -4.66 -35.82
C ARG A 69 -18.58 -3.66 -35.70
N ALA A 70 -18.23 -2.99 -36.79
CA ALA A 70 -17.12 -1.98 -36.82
C ALA A 70 -17.30 -0.87 -35.76
N GLU A 71 -18.52 -0.34 -35.76
CA GLU A 71 -19.02 0.71 -34.84
C GLU A 71 -18.80 0.25 -33.41
N HIS A 72 -19.36 -0.91 -33.10
CA HIS A 72 -19.18 -1.50 -31.79
C HIS A 72 -17.70 -1.73 -31.39
N LEU A 73 -16.84 -1.99 -32.37
CA LEU A 73 -15.40 -2.18 -32.12
C LEU A 73 -14.60 -0.88 -31.96
N ALA A 74 -15.11 0.21 -32.54
CA ALA A 74 -14.26 1.38 -32.71
C ALA A 74 -13.65 1.94 -31.44
N ALA A 75 -14.45 2.01 -30.36
CA ALA A 75 -14.03 2.60 -29.08
C ALA A 75 -12.88 1.78 -28.48
N ALA A 76 -13.07 0.45 -28.53
CA ALA A 76 -12.04 -0.52 -28.10
C ALA A 76 -10.71 -0.26 -28.79
N VAL A 77 -10.75 -0.15 -30.14
CA VAL A 77 -9.52 0.16 -30.91
C VAL A 77 -8.92 1.53 -30.52
N ALA A 78 -9.77 2.55 -30.35
CA ALA A 78 -9.23 3.92 -30.13
C ALA A 78 -8.51 3.92 -28.80
N ALA A 79 -9.17 3.28 -27.81
CA ALA A 79 -8.68 3.17 -26.43
C ALA A 79 -7.36 2.35 -26.32
N ALA A 80 -7.36 1.18 -26.96
CA ALA A 80 -6.12 0.40 -27.14
C ALA A 80 -5.00 1.21 -27.79
N LEU A 81 -5.30 1.89 -28.89
CA LEU A 81 -4.25 2.67 -29.56
C LEU A 81 -3.78 3.83 -28.71
N ARG A 82 -4.70 4.40 -27.93
CA ARG A 82 -4.34 5.47 -27.01
C ARG A 82 -3.40 4.95 -25.94
N ALA A 83 -3.74 3.81 -25.34
CA ALA A 83 -2.89 3.19 -24.34
C ALA A 83 -1.49 2.86 -24.88
N LEU A 84 -1.45 2.25 -26.06
CA LEU A 84 -0.16 1.97 -26.69
C LEU A 84 0.67 3.25 -26.88
N GLY A 85 0.08 4.29 -27.51
CA GLY A 85 0.78 5.55 -27.79
C GLY A 85 1.26 6.24 -26.53
N GLU A 86 0.43 6.23 -25.49
CA GLU A 86 0.83 6.81 -24.22
C GLU A 86 2.04 6.07 -23.60
N GLY A 87 2.03 4.74 -23.68
CA GLY A 87 3.10 3.91 -23.14
C GLY A 87 4.44 4.03 -23.84
N LEU A 88 4.40 4.39 -25.12
CA LEU A 88 5.59 4.58 -25.92
C LEU A 88 6.08 6.02 -25.93
N GLU A 89 5.39 6.92 -25.24
CA GLU A 89 5.80 8.35 -25.27
C GLU A 89 7.22 8.48 -24.72
N GLU A 90 7.50 7.71 -23.68
CA GLU A 90 8.86 7.62 -23.12
C GLU A 90 9.99 7.28 -24.12
N TRP A 91 9.63 6.75 -25.30
CA TRP A 91 10.60 6.44 -26.35
C TRP A 91 10.79 7.56 -27.34
N ARG A 92 9.83 8.49 -27.36
CA ARG A 92 9.92 9.67 -28.22
C ARG A 92 11.21 10.48 -28.00
N PRO A 93 12.05 10.64 -29.05
CA PRO A 93 13.26 11.50 -28.96
C PRO A 93 12.93 12.88 -28.34
N PHE A 94 13.68 13.30 -27.32
CA PHE A 94 13.44 14.60 -26.68
C PHE A 94 13.96 15.72 -27.56
N VAL A 95 13.09 16.61 -28.03
CA VAL A 95 13.60 17.89 -28.55
C VAL A 95 12.92 19.07 -27.84
N PRO A 96 13.73 19.86 -27.13
CA PRO A 96 13.29 20.98 -26.28
C PRO A 96 12.08 21.75 -26.79
N GLY A 97 12.20 22.29 -28.00
CA GLY A 97 11.26 23.23 -28.53
C GLY A 97 9.98 22.56 -28.91
N GLN A 98 10.00 21.23 -29.03
CA GLN A 98 8.76 20.51 -29.40
C GLN A 98 8.14 19.64 -28.32
N SER A 99 8.93 19.24 -27.33
CA SER A 99 8.46 18.31 -26.28
C SER A 99 7.21 18.74 -25.52
N GLN A 100 6.32 17.76 -25.33
CA GLN A 100 5.12 17.97 -24.54
C GLN A 100 5.31 17.25 -23.23
N ARG A 101 6.55 16.88 -22.92
CA ARG A 101 6.72 16.09 -21.70
C ARG A 101 6.62 16.83 -20.36
N THR A 102 6.29 16.05 -19.33
CA THR A 102 6.29 16.50 -17.92
C THR A 102 7.57 16.04 -17.17
N PHE A 103 8.18 16.99 -16.45
CA PHE A 103 9.18 16.64 -15.47
C PHE A 103 8.57 16.70 -14.06
N VAL A 104 8.64 15.58 -13.34
CA VAL A 104 8.15 15.44 -11.97
C VAL A 104 9.34 15.63 -11.03
N PHE A 105 9.21 16.62 -10.16
CA PHE A 105 10.21 16.96 -9.17
C PHE A 105 9.60 16.76 -7.78
N ALA A 106 10.30 16.06 -6.88
CA ALA A 106 10.00 16.11 -5.43
C ALA A 106 10.59 17.41 -4.91
N ALA A 107 9.82 18.16 -4.14
CA ALA A 107 10.30 19.52 -3.75
C ALA A 107 9.67 19.92 -2.43
N THR A 108 10.02 21.11 -1.91
CA THR A 108 9.36 21.70 -0.74
C THR A 108 8.83 23.05 -1.21
N ASP A 109 8.13 23.80 -0.37
CA ASP A 109 7.73 25.12 -0.88
C ASP A 109 8.89 26.02 -1.18
N TYR A 110 9.92 25.93 -0.36
CA TYR A 110 11.05 26.78 -0.56
C TYR A 110 11.79 26.48 -1.92
N THR A 111 12.04 25.21 -2.26
CA THR A 111 12.78 24.92 -3.49
C THR A 111 11.91 25.19 -4.73
N ALA A 112 10.60 25.01 -4.58
CA ALA A 112 9.63 25.49 -5.56
C ALA A 112 9.67 27.00 -5.74
N PHE A 113 9.67 27.75 -4.65
CA PHE A 113 9.87 29.17 -4.75
C PHE A 113 11.21 29.58 -5.40
N ALA A 114 12.29 28.85 -5.09
CA ALA A 114 13.61 29.21 -5.53
C ALA A 114 13.80 28.87 -7.02
N LEU A 115 13.36 27.69 -7.42
CA LEU A 115 13.54 27.20 -8.77
C LEU A 115 12.53 27.73 -9.81
N LEU A 116 11.24 27.53 -9.56
CA LEU A 116 10.23 27.72 -10.59
C LEU A 116 10.21 29.09 -11.28
N PRO A 117 10.20 30.20 -10.52
CA PRO A 117 10.10 31.54 -11.18
C PRO A 117 11.18 31.75 -12.27
N PRO A 118 12.48 31.63 -11.93
CA PRO A 118 13.41 31.78 -13.04
C PRO A 118 13.44 30.63 -14.07
N LEU A 119 13.39 29.37 -13.66
CA LEU A 119 13.41 28.31 -14.64
C LEU A 119 12.29 28.48 -15.68
N MET A 120 11.08 28.70 -15.18
CA MET A 120 9.93 28.81 -16.10
C MET A 120 9.81 30.16 -16.82
N ASN A 121 10.39 31.21 -16.25
CA ASN A 121 10.46 32.42 -17.01
C ASN A 121 11.13 32.14 -18.40
N ARG A 122 12.10 31.23 -18.40
CA ARG A 122 12.86 30.86 -19.59
C ARG A 122 12.21 29.67 -20.31
N LEU A 123 11.93 28.60 -19.60
CA LEU A 123 11.30 27.45 -20.24
C LEU A 123 9.98 27.76 -20.93
N GLN A 124 9.28 28.80 -20.53
CA GLN A 124 7.97 29.09 -21.15
C GLN A 124 8.09 29.48 -22.65
N HIS A 125 9.21 30.10 -22.98
CA HIS A 125 9.54 30.57 -24.34
C HIS A 125 10.40 29.49 -24.99
N SER A 126 11.43 29.00 -24.27
CA SER A 126 12.38 27.95 -24.82
C SER A 126 11.82 26.54 -25.08
N ALA A 127 10.87 26.11 -24.24
CA ALA A 127 10.28 24.81 -24.39
C ALA A 127 8.80 24.94 -24.05
N PRO A 128 8.04 25.61 -24.96
CA PRO A 128 6.67 26.01 -24.58
C PRO A 128 5.70 24.89 -24.31
N GLY A 129 6.07 23.62 -24.56
CA GLY A 129 5.12 22.52 -24.32
C GLY A 129 5.51 21.62 -23.14
N VAL A 130 6.72 21.78 -22.63
CA VAL A 130 7.24 21.06 -21.43
C VAL A 130 6.50 21.53 -20.15
N ARG A 131 6.01 20.58 -19.35
N ARG A 131 6.15 20.57 -19.30
CA ARG A 131 5.29 20.84 -18.10
CA ARG A 131 5.32 20.81 -18.11
C ARG A 131 6.15 20.41 -16.93
C ARG A 131 6.04 20.28 -16.88
N LEU A 132 5.88 20.96 -15.74
CA LEU A 132 6.54 20.52 -14.51
C LEU A 132 5.47 20.17 -13.56
N ARG A 133 5.71 19.10 -12.81
CA ARG A 133 4.83 18.73 -11.77
C ARG A 133 5.68 18.55 -10.51
N LEU A 134 5.41 19.35 -9.47
CA LEU A 134 6.16 19.25 -8.21
C LEU A 134 5.29 18.57 -7.20
N VAL A 135 5.87 17.64 -6.43
CA VAL A 135 5.14 16.88 -5.41
C VAL A 135 5.81 17.03 -4.07
N ASN A 136 5.00 17.01 -3.04
CA ASN A 136 5.55 16.76 -1.71
C ASN A 136 5.84 15.27 -1.62
N ALA A 137 7.06 14.95 -1.26
CA ALA A 137 7.43 13.56 -1.07
C ALA A 137 7.48 13.33 0.43
N GLU A 138 7.46 12.05 0.81
CA GLU A 138 7.53 11.86 2.27
C GLU A 138 8.96 12.01 2.88
N ARG A 139 9.97 12.02 2.03
CA ARG A 139 11.30 12.42 2.48
C ARG A 139 12.03 13.09 1.32
N LYS A 140 13.13 13.77 1.60
CA LYS A 140 13.85 14.51 0.57
C LYS A 140 14.35 13.59 -0.52
N LEU A 141 14.90 12.45 -0.14
CA LEU A 141 15.49 11.61 -1.17
C LEU A 141 15.03 10.17 -1.08
N SER A 142 13.97 9.79 -1.79
CA SER A 142 13.70 8.36 -1.95
C SER A 142 14.34 7.87 -3.22
N VAL A 143 15.33 7.01 -3.03
CA VAL A 143 16.05 6.41 -4.13
C VAL A 143 15.13 5.57 -5.03
N GLU A 144 14.14 4.87 -4.44
CA GLU A 144 13.24 4.01 -5.25
C GLU A 144 12.40 4.82 -6.25
N ALA A 145 11.73 5.86 -5.75
CA ALA A 145 10.98 6.78 -6.61
C ALA A 145 11.83 7.29 -7.77
N LEU A 146 13.08 7.67 -7.51
CA LEU A 146 13.93 8.15 -8.59
C LEU A 146 14.35 7.00 -9.55
N ALA A 147 14.60 5.81 -9.01
CA ALA A 147 14.93 4.61 -9.83
C ALA A 147 13.74 4.17 -10.69
N SER A 148 12.54 4.11 -10.09
CA SER A 148 11.27 3.93 -10.82
C SER A 148 11.25 4.80 -12.04
N GLY A 149 11.66 6.05 -11.88
CA GLY A 149 11.29 7.11 -12.82
C GLY A 149 9.90 7.64 -12.46
N ARG A 150 9.35 7.19 -11.33
CA ARG A 150 8.10 7.74 -10.78
C ARG A 150 8.28 9.26 -10.49
N ILE A 151 9.43 9.67 -9.95
CA ILE A 151 9.80 11.09 -10.04
C ILE A 151 11.06 11.25 -10.85
N ASP A 152 11.21 12.34 -11.56
CA ASP A 152 12.46 12.56 -12.33
C ASP A 152 13.61 13.14 -11.51
N PHE A 153 13.31 14.10 -10.62
CA PHE A 153 14.38 14.79 -9.89
C PHE A 153 13.89 15.10 -8.52
N ALA A 154 14.82 15.32 -7.61
CA ALA A 154 14.44 15.79 -6.29
C ALA A 154 15.23 17.04 -6.04
N LEU A 155 14.69 17.91 -5.19
CA LEU A 155 15.41 19.15 -4.87
C LEU A 155 15.55 19.16 -3.38
N GLY A 156 16.65 19.73 -2.94
CA GLY A 156 16.88 19.95 -1.54
C GLY A 156 18.34 20.38 -1.44
N TYR A 157 18.88 20.30 -0.22
CA TYR A 157 20.33 20.43 -0.03
C TYR A 157 20.85 19.38 0.94
N ASP A 158 22.18 19.19 0.92
CA ASP A 158 22.91 18.27 1.81
C ASP A 158 23.13 18.90 3.17
N GLU A 159 22.72 18.15 4.20
CA GLU A 159 22.84 18.54 5.58
C GLU A 159 24.14 17.96 6.16
N GLU A 160 25.05 18.82 6.64
CA GLU A 160 26.27 18.32 7.34
C GLU A 160 27.06 17.29 6.51
N HIS A 161 27.22 17.59 5.21
CA HIS A 161 27.87 16.71 4.23
C HIS A 161 27.40 15.23 4.23
N GLU A 162 26.08 14.96 4.41
CA GLU A 162 25.54 13.58 4.24
C GLU A 162 26.08 12.99 2.97
N ARG A 163 26.29 11.68 3.01
N ARG A 163 26.34 11.68 2.99
CA ARG A 163 26.71 10.95 1.83
CA ARG A 163 26.78 10.99 1.79
C ARG A 163 25.51 10.71 0.92
C ARG A 163 25.55 10.68 0.91
N LEU A 164 25.66 10.97 -0.39
CA LEU A 164 24.60 10.64 -1.38
C LEU A 164 24.27 9.15 -1.37
N PRO A 165 22.97 8.81 -1.32
CA PRO A 165 22.74 7.39 -1.21
C PRO A 165 23.16 6.65 -2.48
N GLU A 166 23.29 5.34 -2.31
CA GLU A 166 23.30 4.33 -3.35
C GLU A 166 22.80 4.74 -4.72
N GLY A 167 23.67 5.23 -5.60
CA GLY A 167 23.23 5.52 -6.97
C GLY A 167 22.38 6.77 -7.16
N ILE A 168 22.59 7.76 -6.30
CA ILE A 168 22.05 9.10 -6.51
C ILE A 168 23.18 9.98 -6.99
N GLN A 169 22.93 10.79 -8.01
CA GLN A 169 23.82 11.90 -8.37
C GLN A 169 23.17 13.27 -8.08
N ALA A 170 23.98 14.31 -7.94
CA ALA A 170 23.45 15.61 -7.57
C ALA A 170 24.21 16.63 -8.35
N HIS A 171 23.60 17.78 -8.58
CA HIS A 171 24.22 18.91 -9.21
C HIS A 171 23.79 20.18 -8.45
N ASP A 172 24.77 20.95 -7.96
CA ASP A 172 24.55 22.21 -7.25
C ASP A 172 23.95 23.24 -8.17
N TRP A 173 22.97 24.01 -7.72
CA TRP A 173 22.45 25.14 -8.52
C TRP A 173 22.21 26.46 -7.79
N PHE A 174 22.24 26.49 -6.45
CA PHE A 174 22.01 27.76 -5.74
C PHE A 174 22.63 27.80 -4.35
N ALA A 175 23.51 28.77 -4.13
CA ALA A 175 24.21 28.95 -2.86
C ALA A 175 23.57 30.14 -2.14
N ASP A 176 23.33 30.00 -0.84
CA ASP A 176 22.70 31.05 -0.07
C ASP A 176 23.07 30.80 1.42
N ARG A 177 22.61 31.68 2.30
CA ARG A 177 22.82 31.47 3.73
C ARG A 177 21.50 31.60 4.52
N TYR A 178 21.51 31.11 5.75
CA TYR A 178 20.41 31.39 6.69
C TYR A 178 20.62 32.74 7.39
N VAL A 179 19.51 33.39 7.72
CA VAL A 179 19.42 34.65 8.50
C VAL A 179 18.38 34.42 9.61
N VAL A 180 18.36 35.31 10.59
CA VAL A 180 17.38 35.27 11.69
C VAL A 180 16.35 36.35 11.32
N VAL A 181 15.10 35.93 11.24
CA VAL A 181 13.97 36.80 10.87
C VAL A 181 13.15 37.05 12.13
N ALA A 182 12.81 38.34 12.33
CA ALA A 182 11.87 38.70 13.34
C ALA A 182 10.88 39.66 12.69
N ARG A 183 9.75 39.86 13.36
CA ARG A 183 8.84 40.92 12.94
C ARG A 183 9.64 42.21 13.02
N ARG A 184 9.29 43.18 12.19
CA ARG A 184 10.17 44.35 11.98
C ARG A 184 10.26 45.10 13.31
N ASP A 185 9.15 45.25 13.99
CA ASP A 185 9.17 45.88 15.34
C ASP A 185 8.98 44.86 16.43
N HIS A 186 10.07 44.22 16.81
CA HIS A 186 9.97 43.16 17.82
C HIS A 186 10.12 43.82 19.21
N PRO A 187 9.27 43.47 20.21
CA PRO A 187 9.35 44.11 21.55
C PRO A 187 10.76 44.12 22.19
N ARG A 188 11.62 43.15 21.89
CA ARG A 188 12.84 43.00 22.65
C ARG A 188 14.06 43.12 21.76
N LEU A 189 13.87 43.53 20.51
CA LEU A 189 14.99 43.64 19.64
C LEU A 189 15.21 45.12 19.29
N ALA A 190 16.06 45.77 20.06
CA ALA A 190 16.60 47.08 19.72
C ALA A 190 17.69 46.98 18.64
N GLY A 191 18.26 45.81 18.45
CA GLY A 191 19.24 45.60 17.39
C GLY A 191 19.34 44.11 17.11
N ALA A 192 20.38 43.69 16.38
CA ALA A 192 20.57 42.30 16.06
C ALA A 192 20.54 41.50 17.35
N PRO A 193 19.94 40.28 17.32
CA PRO A 193 19.94 39.48 18.55
C PRO A 193 21.27 38.93 18.90
N THR A 194 21.55 38.83 20.19
CA THR A 194 22.73 38.16 20.65
C THR A 194 22.30 36.69 20.71
N LEU A 195 23.22 35.81 21.09
CA LEU A 195 22.92 34.41 21.20
C LEU A 195 21.94 34.22 22.34
N GLU A 196 22.20 34.92 23.45
CA GLU A 196 21.31 34.80 24.63
C GLU A 196 19.91 35.38 24.31
N GLY A 197 19.89 36.49 23.55
CA GLY A 197 18.65 37.15 23.16
C GLY A 197 17.83 36.22 22.24
N TYR A 198 18.50 35.54 21.31
CA TYR A 198 17.92 34.53 20.43
C TYR A 198 17.29 33.38 21.25
N LEU A 199 18.03 32.88 22.24
CA LEU A 199 17.58 31.72 23.02
C LEU A 199 16.55 32.08 24.08
N ALA A 200 16.35 33.39 24.32
CA ALA A 200 15.33 33.93 25.24
C ALA A 200 13.95 34.12 24.56
N GLU A 201 13.90 33.91 23.25
CA GLU A 201 12.63 34.02 22.47
C GLU A 201 12.15 32.60 22.18
N ARG A 202 10.88 32.49 21.76
CA ARG A 202 10.34 31.28 21.17
C ARG A 202 10.53 31.33 19.66
N HIS A 203 10.52 30.15 19.06
CA HIS A 203 10.89 30.06 17.68
C HIS A 203 9.85 29.37 16.78
N ALA A 204 9.87 29.77 15.52
CA ALA A 204 9.12 29.10 14.49
C ALA A 204 10.15 28.26 13.75
N VAL A 205 9.74 27.05 13.36
CA VAL A 205 10.67 26.06 12.82
C VAL A 205 10.10 25.34 11.60
N VAL A 206 10.85 25.31 10.50
CA VAL A 206 10.37 24.68 9.29
C VAL A 206 10.87 23.24 9.25
N THR A 207 9.90 22.33 9.13
CA THR A 207 10.10 20.87 9.07
C THR A 207 9.53 20.34 7.79
N PRO A 208 10.27 20.50 6.69
CA PRO A 208 9.54 20.29 5.43
C PRO A 208 9.11 18.83 5.19
N TRP A 209 9.71 17.83 5.90
CA TRP A 209 9.29 16.45 5.72
C TRP A 209 8.70 15.96 7.04
N ASN A 210 8.01 16.85 7.75
CA ASN A 210 7.36 16.43 9.04
C ASN A 210 8.36 15.84 10.05
N GLU A 211 9.59 16.34 10.02
CA GLU A 211 10.46 15.86 11.06
C GLU A 211 10.15 16.46 12.43
N ASP A 212 10.65 15.82 13.50
CA ASP A 212 10.40 16.28 14.84
C ASP A 212 11.33 17.40 15.26
N SER A 213 12.21 17.85 14.37
CA SER A 213 13.11 18.94 14.75
C SER A 213 13.51 19.61 13.47
N GLY A 214 14.03 20.84 13.59
CA GLY A 214 14.44 21.58 12.41
C GLY A 214 15.95 21.38 12.23
N VAL A 215 16.42 21.67 11.04
CA VAL A 215 17.83 21.58 10.69
C VAL A 215 18.65 22.47 11.65
N ILE A 216 18.06 23.60 12.06
CA ILE A 216 18.70 24.50 13.01
C ILE A 216 18.71 23.96 14.45
N ASP A 217 17.65 23.29 14.90
CA ASP A 217 17.74 22.62 16.21
C ASP A 217 18.93 21.59 16.29
N ARG A 218 19.12 20.87 15.19
CA ARG A 218 20.11 19.81 15.12
C ARG A 218 21.49 20.49 15.09
N LEU A 219 21.67 21.55 14.30
CA LEU A 219 22.91 22.34 14.37
C LEU A 219 23.20 22.86 15.80
N LEU A 220 22.21 23.50 16.46
CA LEU A 220 22.38 23.98 17.83
C LEU A 220 22.75 22.87 18.84
N ALA A 221 22.15 21.70 18.71
CA ALA A 221 22.40 20.60 19.62
C ALA A 221 23.89 20.14 19.56
N ARG A 222 24.52 20.26 18.38
CA ARG A 222 25.95 19.93 18.19
C ARG A 222 26.88 20.82 19.02
N SER A 223 26.39 22.00 19.45
CA SER A 223 27.06 22.81 20.46
C SER A 223 26.47 22.73 21.81
N GLY A 224 25.64 21.74 22.12
CA GLY A 224 25.03 21.75 23.49
C GLY A 224 23.99 22.85 23.70
N LEU A 225 23.44 23.43 22.62
CA LEU A 225 22.39 24.47 22.78
C LEU A 225 20.96 24.04 22.36
N ARG A 226 19.95 24.67 22.93
CA ARG A 226 18.61 24.41 22.44
C ARG A 226 17.74 25.61 22.48
N ARG A 227 16.74 25.59 21.61
CA ARG A 227 15.80 26.70 21.57
C ARG A 227 14.38 26.28 21.94
N GLU A 228 13.60 27.22 22.43
CA GLU A 228 12.23 26.92 22.75
C GLU A 228 11.43 27.09 21.49
N VAL A 229 10.84 26.00 21.04
CA VAL A 229 10.04 25.91 19.80
C VAL A 229 8.55 26.15 20.08
N ALA A 230 7.97 27.14 19.38
CA ALA A 230 6.52 27.35 19.49
C ALA A 230 5.75 26.71 18.34
N VAL A 231 6.29 26.75 17.12
CA VAL A 231 5.55 26.18 16.00
C VAL A 231 6.48 25.52 15.04
N GLN A 232 6.10 24.33 14.56
CA GLN A 232 6.77 23.61 13.42
C GLN A 232 5.79 23.60 12.31
N LEU A 233 6.24 23.77 11.09
CA LEU A 233 5.33 23.67 9.91
C LEU A 233 6.26 23.42 8.75
N PRO A 234 5.76 22.84 7.65
CA PRO A 234 6.62 22.45 6.59
C PRO A 234 6.98 23.53 5.59
N THR A 235 6.44 24.74 5.76
CA THR A 235 6.47 25.70 4.69
C THR A 235 7.18 26.98 5.13
N VAL A 236 8.27 27.36 4.46
CA VAL A 236 9.02 28.55 4.81
C VAL A 236 8.22 29.86 4.57
N LEU A 237 7.49 29.91 3.48
CA LEU A 237 6.84 31.15 3.03
C LEU A 237 5.73 31.51 4.02
N ALA A 238 4.90 30.55 4.44
CA ALA A 238 3.96 30.79 5.54
C ALA A 238 4.68 31.13 6.82
N ALA A 239 5.82 30.45 7.07
CA ALA A 239 6.54 30.67 8.31
C ALA A 239 6.98 32.13 8.46
N LEU A 240 7.32 32.79 7.34
CA LEU A 240 7.79 34.21 7.33
C LEU A 240 6.59 35.13 7.68
N PHE A 241 5.37 34.77 7.24
CA PHE A 241 4.16 35.54 7.62
C PHE A 241 3.91 35.32 9.08
N LEU A 242 4.15 34.07 9.54
CA LEU A 242 4.08 33.83 10.99
C LEU A 242 5.02 34.73 11.80
N ALA A 243 6.31 34.74 11.45
CA ALA A 243 7.30 35.60 12.17
C ALA A 243 6.82 37.06 12.17
N GLY A 244 6.24 37.52 11.07
CA GLY A 244 5.79 38.92 11.00
C GLY A 244 4.56 39.33 11.83
N SER A 245 3.74 38.34 12.32
CA SER A 245 2.64 38.61 13.28
C SER A 245 2.84 38.21 14.74
N THR A 246 4.05 37.81 15.09
CA THR A 246 4.33 37.30 16.44
C THR A 246 5.71 37.77 16.89
N ASP A 247 6.07 37.49 18.15
CA ASP A 247 7.39 37.67 18.66
C ASP A 247 8.33 36.50 18.30
N PHE A 248 7.82 35.51 17.56
CA PHE A 248 8.63 34.33 17.20
C PHE A 248 9.83 34.62 16.29
N LEU A 249 10.99 34.00 16.57
CA LEU A 249 12.15 34.12 15.64
C LEU A 249 12.07 32.94 14.66
N LEU A 250 12.41 33.22 13.40
CA LEU A 250 12.48 32.19 12.39
C LEU A 250 13.93 32.26 11.82
N THR A 251 14.63 31.12 11.71
CA THR A 251 15.98 31.06 11.17
C THR A 251 15.79 30.39 9.84
N ALA A 252 15.80 31.22 8.79
CA ALA A 252 15.38 30.84 7.42
C ALA A 252 16.38 31.23 6.31
N PRO A 253 16.22 30.58 5.15
CA PRO A 253 16.98 30.95 3.95
C PRO A 253 16.82 32.45 3.57
N ARG A 254 17.92 33.15 3.39
CA ARG A 254 17.90 34.58 3.17
C ARG A 254 17.15 34.92 1.89
N HIS A 255 17.24 34.04 0.89
CA HIS A 255 16.58 34.28 -0.40
C HIS A 255 15.02 34.41 -0.26
N ALA A 256 14.40 33.49 0.50
CA ALA A 256 13.00 33.62 0.83
C ALA A 256 12.74 34.86 1.74
N ALA A 257 13.55 35.06 2.81
CA ALA A 257 13.31 36.15 3.77
C ALA A 257 13.26 37.53 3.11
N ARG A 258 14.20 37.79 2.20
CA ARG A 258 14.26 39.07 1.44
C ARG A 258 13.02 39.23 0.57
N ALA A 259 12.54 38.16 -0.07
CA ALA A 259 11.43 38.37 -0.98
C ALA A 259 10.17 38.69 -0.23
N LEU A 260 10.08 38.27 1.04
CA LEU A 260 8.84 38.61 1.82
C LEU A 260 9.03 39.66 2.90
N ALA A 261 10.25 40.23 3.01
CA ALA A 261 10.53 41.21 4.14
C ALA A 261 9.50 42.33 4.20
N GLU A 262 9.18 42.91 3.05
CA GLU A 262 8.19 43.96 3.03
C GLU A 262 6.72 43.44 3.15
N ALA A 263 6.33 42.41 2.40
CA ALA A 263 4.98 41.81 2.47
C ALA A 263 4.61 41.30 3.85
N ALA A 264 5.56 40.67 4.54
CA ALA A 264 5.27 40.09 5.91
C ALA A 264 5.65 41.06 7.05
N GLY A 265 6.41 42.13 6.74
CA GLY A 265 6.81 43.13 7.77
C GLY A 265 7.97 42.63 8.64
N LEU A 266 9.07 42.27 7.98
CA LEU A 266 10.13 41.58 8.70
C LEU A 266 11.41 42.39 8.86
N ALA A 267 12.19 42.00 9.86
CA ALA A 267 13.58 42.43 9.97
C ALA A 267 14.47 41.20 9.79
N LEU A 268 15.65 41.40 9.21
CA LEU A 268 16.50 40.28 8.92
C LEU A 268 17.83 40.55 9.56
N TYR A 269 18.39 39.56 10.23
CA TYR A 269 19.62 39.71 11.00
C TYR A 269 20.61 38.58 10.73
N PRO A 270 21.94 38.77 10.94
CA PRO A 270 22.79 37.57 10.95
C PRO A 270 22.51 36.72 12.20
N ALA A 271 22.63 35.41 12.08
CA ALA A 271 22.59 34.50 13.23
C ALA A 271 23.70 34.84 14.16
N PRO A 272 23.43 34.88 15.47
CA PRO A 272 24.53 35.05 16.44
C PRO A 272 25.31 33.74 16.77
N PHE A 273 25.34 32.79 15.84
CA PHE A 273 26.12 31.55 15.96
C PHE A 273 26.41 31.17 14.53
N ASP A 274 27.30 30.21 14.32
CA ASP A 274 27.76 29.82 12.99
C ASP A 274 26.78 28.88 12.28
N ILE A 275 26.40 29.21 11.04
CA ILE A 275 25.57 28.30 10.24
C ILE A 275 26.28 28.05 8.96
N PRO A 276 26.48 26.78 8.54
CA PRO A 276 27.13 26.58 7.23
C PRO A 276 26.28 27.25 6.14
N PRO A 277 26.92 27.74 5.07
CA PRO A 277 26.12 28.10 3.89
C PRO A 277 25.50 26.84 3.31
N TYR A 278 24.39 26.97 2.59
CA TYR A 278 23.78 25.78 2.02
C TYR A 278 23.80 25.93 0.52
N VAL A 279 23.77 24.79 -0.17
CA VAL A 279 23.71 24.77 -1.60
C VAL A 279 22.50 23.92 -2.01
N LEU A 280 21.56 24.53 -2.71
CA LEU A 280 20.45 23.80 -3.30
C LEU A 280 20.95 22.91 -4.42
N ARG A 281 20.55 21.65 -4.36
CA ARG A 281 20.94 20.74 -5.43
C ARG A 281 19.75 20.11 -6.12
N LEU A 282 20.01 19.65 -7.35
CA LEU A 282 19.12 18.79 -8.11
C LEU A 282 19.65 17.35 -8.14
N TYR A 283 18.90 16.44 -7.55
CA TYR A 283 19.24 15.05 -7.38
C TYR A 283 18.51 14.15 -8.37
N SER A 284 19.21 13.10 -8.82
CA SER A 284 18.60 12.16 -9.76
C SER A 284 19.20 10.76 -9.61
N HIS A 285 18.60 9.79 -10.26
CA HIS A 285 19.14 8.45 -10.23
C HIS A 285 19.99 8.27 -11.47
N VAL A 286 21.07 7.52 -11.31
CA VAL A 286 22.07 7.34 -12.37
C VAL A 286 21.60 6.58 -13.63
N GLN A 287 20.44 5.92 -13.55
CA GLN A 287 19.85 5.32 -14.75
C GLN A 287 18.73 6.18 -15.36
N GLY A 290 22.06 8.35 -19.28
CA GLY A 290 21.02 8.05 -20.30
C GLY A 290 20.26 9.25 -20.88
N ARG A 291 18.94 9.32 -20.64
CA ARG A 291 18.03 10.32 -21.27
C ARG A 291 18.62 11.66 -21.68
N ASP A 292 18.27 12.02 -22.90
CA ASP A 292 18.44 13.35 -23.43
C ASP A 292 17.64 14.38 -22.61
N ALA A 293 16.39 14.04 -22.26
CA ALA A 293 15.57 14.91 -21.37
C ALA A 293 16.29 15.31 -20.06
N HIS A 294 16.89 14.33 -19.38
CA HIS A 294 17.57 14.56 -18.10
C HIS A 294 18.82 15.40 -18.22
N ALA A 295 19.66 15.12 -19.22
CA ALA A 295 20.85 15.94 -19.45
C ALA A 295 20.42 17.36 -19.79
N TRP A 296 19.32 17.48 -20.51
CA TRP A 296 18.86 18.80 -20.87
C TRP A 296 18.37 19.67 -19.64
N MET A 297 17.46 19.11 -18.84
CA MET A 297 17.05 19.76 -17.58
C MET A 297 18.25 20.02 -16.66
N ILE A 298 19.16 19.05 -16.49
CA ILE A 298 20.41 19.39 -15.75
C ILE A 298 21.13 20.64 -16.27
N GLY A 299 21.22 20.80 -17.59
CA GLY A 299 21.81 21.99 -18.19
C GLY A 299 21.06 23.30 -17.98
N GLN A 300 19.73 23.27 -18.04
CA GLN A 300 18.91 24.43 -17.68
C GLN A 300 19.15 24.94 -16.24
N LEU A 301 19.42 24.03 -15.29
CA LEU A 301 19.86 24.45 -13.95
C LEU A 301 21.33 24.85 -14.02
N LYS A 302 21.51 26.07 -14.53
CA LYS A 302 22.78 26.76 -14.75
C LYS A 302 22.30 28.03 -15.45
N GLY A 303 21.33 28.69 -14.79
CA GLY A 303 20.83 29.99 -15.20
C GLY A 303 20.35 30.61 -13.91
N LEU A 304 21.11 31.60 -13.41
CA LEU A 304 21.05 32.07 -12.03
C LEU A 304 19.87 33.00 -11.76
N ASP A 305 19.86 33.53 -10.53
CA ASP A 305 19.08 34.71 -10.12
C ASP A 305 19.46 35.16 -8.70
N HIS B 4 3.25 -9.55 31.83
CA HIS B 4 4.71 -9.64 31.48
C HIS B 4 5.62 -9.50 32.72
N PRO B 5 6.69 -10.29 32.80
CA PRO B 5 7.71 -10.06 33.82
C PRO B 5 8.72 -8.93 33.49
N LEU B 6 8.70 -8.46 32.24
CA LEU B 6 9.61 -7.38 31.87
C LEU B 6 9.08 -6.01 32.31
N LEU B 7 7.75 -5.84 32.31
CA LEU B 7 7.12 -4.56 32.69
C LEU B 7 7.37 -4.18 34.14
N ARG B 8 7.55 -5.23 34.93
CA ARG B 8 7.70 -5.12 36.35
C ARG B 8 9.16 -4.78 36.68
N ARG B 9 10.09 -5.16 35.83
CA ARG B 9 11.49 -4.86 36.04
C ARG B 9 11.93 -3.55 35.37
N LEU B 10 11.36 -3.27 34.21
CA LEU B 10 11.78 -2.12 33.42
C LEU B 10 11.11 -0.82 33.94
N ASP B 11 11.94 0.20 34.08
CA ASP B 11 11.53 1.50 34.46
C ASP B 11 10.74 2.10 33.27
N LEU B 12 9.43 2.11 33.38
CA LEU B 12 8.63 2.56 32.28
C LEU B 12 8.89 4.02 31.90
N ASN B 13 9.49 4.84 32.77
CA ASN B 13 9.78 6.21 32.35
C ASN B 13 10.81 6.20 31.22
N LEU B 14 11.64 5.14 31.13
CA LEU B 14 12.59 5.03 30.02
C LEU B 14 11.87 4.92 28.69
N LEU B 15 10.58 4.59 28.68
CA LEU B 15 9.85 4.52 27.39
C LEU B 15 9.71 5.86 26.68
N LEU B 16 9.59 6.94 27.41
CA LEU B 16 9.63 8.24 26.82
C LEU B 16 10.98 8.56 26.13
N VAL B 17 12.07 8.12 26.74
CA VAL B 17 13.39 8.29 26.17
C VAL B 17 13.44 7.52 24.87
N PHE B 18 12.98 6.27 24.89
CA PHE B 18 13.02 5.40 23.71
C PHE B 18 12.22 6.06 22.56
N ASP B 19 10.98 6.42 22.89
CA ASP B 19 10.06 7.04 21.92
C ASP B 19 10.60 8.37 21.34
N ALA B 20 10.97 9.32 22.18
CA ALA B 20 11.64 10.52 21.66
C ALA B 20 12.87 10.27 20.77
N LEU B 21 13.76 9.33 21.14
CA LEU B 21 14.88 9.09 20.28
C LEU B 21 14.47 8.39 18.96
N TYR B 22 13.52 7.48 19.03
CA TYR B 22 13.14 6.86 17.79
C TYR B 22 12.61 7.96 16.79
N ARG B 23 11.94 8.99 17.34
CA ARG B 23 11.29 10.04 16.48
C ARG B 23 12.27 11.06 16.03
N HIS B 24 13.14 11.48 16.94
CA HIS B 24 14.11 12.50 16.59
C HIS B 24 15.39 11.98 15.88
N ARG B 25 15.75 10.73 16.15
CA ARG B 25 17.04 10.12 15.66
C ARG B 25 18.21 10.98 16.03
N ASN B 26 18.11 11.70 17.15
CA ASN B 26 19.07 12.72 17.50
C ASN B 26 18.98 12.86 18.99
N VAL B 27 20.10 12.70 19.71
CA VAL B 27 20.08 12.73 21.19
C VAL B 27 19.80 14.16 21.73
N GLY B 28 20.46 15.16 21.14
CA GLY B 28 20.27 16.59 21.49
C GLY B 28 18.80 17.04 21.35
N THR B 29 18.14 16.77 20.24
CA THR B 29 16.78 17.31 20.09
C THR B 29 15.75 16.45 20.85
N ALA B 30 16.01 15.13 20.99
CA ALA B 30 15.23 14.28 21.87
C ALA B 30 15.34 14.74 23.32
N ALA B 31 16.55 15.04 23.83
CA ALA B 31 16.74 15.54 25.22
C ALA B 31 15.97 16.88 25.35
N SER B 32 16.07 17.77 24.33
CA SER B 32 15.31 19.02 24.40
C SER B 32 13.77 18.80 24.54
N GLU B 33 13.17 17.97 23.67
CA GLU B 33 11.75 17.63 23.81
C GLU B 33 11.36 17.15 25.21
N LEU B 34 12.24 16.34 25.79
CA LEU B 34 11.99 15.71 27.07
C LEU B 34 12.26 16.72 28.20
N ALA B 35 12.84 17.87 27.86
CA ALA B 35 13.28 18.83 28.86
C ALA B 35 14.19 18.18 29.92
N ILE B 36 15.16 17.39 29.48
CA ILE B 36 16.18 16.91 30.40
C ILE B 36 17.47 17.21 29.74
N SER B 37 18.56 17.02 30.48
CA SER B 37 19.87 17.37 29.98
C SER B 37 20.41 16.23 29.07
N ALA B 38 21.42 16.56 28.26
CA ALA B 38 21.98 15.66 27.28
C ALA B 38 22.58 14.46 28.02
N SER B 39 23.16 14.79 29.16
CA SER B 39 23.83 13.84 30.04
C SER B 39 22.81 12.87 30.70
N ALA B 40 21.78 13.42 31.33
CA ALA B 40 20.70 12.58 31.85
C ALA B 40 20.09 11.72 30.73
N PHE B 41 19.79 12.32 29.56
CA PHE B 41 19.30 11.56 28.38
C PHE B 41 20.27 10.44 28.04
N SER B 42 21.56 10.72 27.90
CA SER B 42 22.53 9.69 27.60
C SER B 42 22.58 8.60 28.69
N HIS B 43 22.55 9.00 29.96
CA HIS B 43 22.44 8.01 31.03
C HIS B 43 21.14 7.12 30.93
N ALA B 44 20.01 7.75 30.66
CA ALA B 44 18.73 7.03 30.48
C ALA B 44 18.84 6.04 29.34
N LEU B 45 19.54 6.41 28.26
CA LEU B 45 19.72 5.49 27.17
C LEU B 45 20.60 4.29 27.61
N GLY B 46 21.62 4.56 28.41
CA GLY B 46 22.47 3.43 28.89
C GLY B 46 21.59 2.48 29.71
N ARG B 47 20.76 3.02 30.58
CA ARG B 47 19.82 2.13 31.31
C ARG B 47 18.83 1.37 30.43
N LEU B 48 18.32 1.99 29.38
CA LEU B 48 17.41 1.31 28.49
C LEU B 48 18.17 0.20 27.79
N ARG B 49 19.41 0.49 27.39
CA ARG B 49 20.25 -0.54 26.77
C ARG B 49 20.45 -1.75 27.68
N GLN B 50 20.62 -1.51 28.97
CA GLN B 50 20.80 -2.59 30.01
C GLN B 50 19.50 -3.29 30.27
N GLY B 51 18.41 -2.55 30.46
CA GLY B 51 17.10 -3.16 30.63
C GLY B 51 16.63 -4.03 29.48
N LEU B 52 17.04 -3.68 28.25
CA LEU B 52 16.57 -4.45 27.12
C LEU B 52 17.62 -5.30 26.49
N ASP B 53 18.81 -5.32 27.06
CA ASP B 53 19.89 -6.12 26.47
C ASP B 53 20.07 -5.90 24.95
N ASP B 54 20.05 -4.63 24.52
CA ASP B 54 20.17 -4.27 23.10
C ASP B 54 20.77 -2.85 23.02
N GLU B 55 21.57 -2.57 21.98
CA GLU B 55 22.14 -1.22 21.74
C GLU B 55 21.02 -0.18 21.45
N LEU B 56 19.91 -0.68 20.86
CA LEU B 56 18.68 0.06 20.46
C LEU B 56 18.92 1.11 19.36
N PHE B 57 19.96 1.90 19.51
CA PHE B 57 20.27 2.98 18.56
C PHE B 57 21.77 3.09 18.51
N LEU B 58 22.34 3.08 17.30
CA LEU B 58 23.76 3.39 17.16
C LEU B 58 23.93 4.65 16.34
N ARG B 59 24.85 5.49 16.74
CA ARG B 59 25.16 6.69 15.95
C ARG B 59 25.78 6.33 14.60
N GLN B 60 25.28 6.97 13.52
CA GLN B 60 25.72 6.79 12.13
C GLN B 60 25.79 8.15 11.50
N GLY B 61 26.83 8.93 11.81
CA GLY B 61 26.96 10.30 11.28
C GLY B 61 26.17 11.34 12.09
N ASN B 62 25.43 12.21 11.38
CA ASN B 62 24.25 12.96 11.98
C ASN B 62 23.33 12.17 13.00
N ARG B 63 22.90 10.98 12.56
CA ARG B 63 21.68 10.37 12.90
C ARG B 63 21.94 9.19 13.85
N MET B 64 20.98 8.94 14.73
CA MET B 64 20.93 7.69 15.52
C MET B 64 20.07 6.73 14.78
N GLN B 65 20.55 5.53 14.54
CA GLN B 65 19.81 4.57 13.75
C GLN B 65 19.35 3.43 14.64
N PRO B 66 18.04 3.08 14.57
CA PRO B 66 17.49 1.98 15.37
C PRO B 66 17.98 0.62 14.91
N THR B 67 18.23 -0.24 15.87
CA THR B 67 18.42 -1.66 15.57
C THR B 67 17.07 -2.29 15.26
N GLN B 68 17.11 -3.58 14.92
CA GLN B 68 15.94 -4.37 14.59
C GLN B 68 15.03 -4.51 15.79
N ARG B 69 15.61 -4.79 16.96
CA ARG B 69 14.79 -4.90 18.15
C ARG B 69 14.09 -3.56 18.43
N ALA B 70 14.78 -2.44 18.17
CA ALA B 70 14.15 -1.12 18.42
C ALA B 70 13.01 -0.85 17.42
N GLU B 71 13.25 -1.19 16.16
CA GLU B 71 12.30 -1.03 15.05
C GLU B 71 11.01 -1.80 15.35
N HIS B 72 11.15 -3.06 15.80
N HIS B 72 11.18 -3.05 15.82
CA HIS B 72 10.01 -3.90 16.22
CA HIS B 72 10.07 -3.90 16.26
C HIS B 72 9.26 -3.36 17.46
C HIS B 72 9.27 -3.32 17.42
N LEU B 73 9.96 -2.70 18.38
CA LEU B 73 9.29 -2.18 19.56
C LEU B 73 8.57 -0.84 19.36
N ALA B 74 9.02 -0.08 18.37
CA ALA B 74 8.64 1.32 18.21
C ALA B 74 7.13 1.56 18.10
N ALA B 75 6.42 0.86 17.22
CA ALA B 75 4.96 1.10 17.13
C ALA B 75 4.23 0.76 18.45
N ALA B 76 4.67 -0.28 19.13
CA ALA B 76 4.06 -0.72 20.41
C ALA B 76 4.21 0.37 21.48
N VAL B 77 5.44 0.86 21.64
CA VAL B 77 5.64 2.00 22.53
C VAL B 77 4.84 3.22 22.11
N ALA B 78 4.80 3.54 20.83
CA ALA B 78 4.09 4.79 20.48
C ALA B 78 2.59 4.56 20.74
N ALA B 79 2.07 3.37 20.39
CA ALA B 79 0.66 3.06 20.74
C ALA B 79 0.38 3.16 22.24
N ALA B 80 1.25 2.53 23.04
CA ALA B 80 1.14 2.66 24.53
C ALA B 80 1.08 4.13 25.02
N LEU B 81 2.04 4.92 24.59
CA LEU B 81 2.07 6.33 24.98
C LEU B 81 0.88 7.16 24.50
N ARG B 82 0.34 6.85 23.34
CA ARG B 82 -0.88 7.50 22.84
C ARG B 82 -2.10 7.18 23.80
N ALA B 83 -2.38 5.90 24.07
CA ALA B 83 -3.38 5.48 25.09
C ALA B 83 -3.19 6.15 26.44
N LEU B 84 -1.98 6.06 26.99
CA LEU B 84 -1.72 6.79 28.23
C LEU B 84 -1.95 8.30 28.15
N GLY B 85 -1.37 8.99 27.15
CA GLY B 85 -1.52 10.45 27.03
C GLY B 85 -2.98 10.88 26.88
N GLU B 86 -3.73 10.14 26.08
CA GLU B 86 -5.14 10.45 25.94
C GLU B 86 -5.88 10.25 27.24
N GLY B 87 -5.74 9.03 27.80
CA GLY B 87 -6.02 8.77 29.21
C GLY B 87 -5.80 9.94 30.13
N LEU B 88 -4.58 10.48 30.21
CA LEU B 88 -4.26 11.54 31.18
C LEU B 88 -4.80 12.93 30.87
N GLU B 89 -4.92 13.25 29.58
CA GLU B 89 -5.46 14.55 29.11
C GLU B 89 -6.88 14.78 29.60
N GLU B 90 -7.74 13.82 29.29
CA GLU B 90 -9.08 13.70 29.88
C GLU B 90 -9.10 13.90 31.42
N TRP B 91 -7.95 13.73 32.07
CA TRP B 91 -7.91 13.63 33.52
C TRP B 91 -8.25 14.93 34.26
N ARG B 92 -7.59 16.03 33.93
CA ARG B 92 -8.02 17.36 34.48
C ARG B 92 -8.35 18.39 33.39
N PRO B 93 -9.19 19.40 33.73
CA PRO B 93 -9.55 20.37 32.69
C PRO B 93 -8.32 21.10 32.10
N PHE B 94 -8.45 21.51 30.83
CA PHE B 94 -7.42 22.25 30.12
C PHE B 94 -7.12 23.64 30.74
N VAL B 95 -5.86 23.90 31.04
CA VAL B 95 -5.44 25.22 31.55
C VAL B 95 -4.48 25.91 30.55
N PRO B 96 -5.03 26.81 29.71
CA PRO B 96 -4.23 27.50 28.65
C PRO B 96 -2.94 28.19 29.17
N GLY B 97 -3.03 28.85 30.35
CA GLY B 97 -1.89 29.63 30.87
C GLY B 97 -0.72 28.72 31.27
N GLN B 98 -0.98 27.44 31.49
CA GLN B 98 0.03 26.50 32.00
C GLN B 98 0.35 25.38 31.00
N SER B 99 -0.61 25.10 30.11
CA SER B 99 -0.45 24.04 29.14
C SER B 99 0.86 24.11 28.38
N GLN B 100 1.52 22.97 28.31
CA GLN B 100 2.65 22.75 27.40
C GLN B 100 2.29 21.79 26.29
N ARG B 101 1.00 21.60 26.06
CA ARG B 101 0.53 20.70 25.00
C ARG B 101 0.87 21.20 23.58
N THR B 102 1.09 20.25 22.68
CA THR B 102 1.26 20.50 21.27
C THR B 102 -0.02 20.07 20.55
N PHE B 103 -0.62 20.99 19.78
CA PHE B 103 -1.69 20.62 18.89
C PHE B 103 -1.10 20.32 17.53
N VAL B 104 -1.51 19.21 16.94
CA VAL B 104 -1.03 18.83 15.66
C VAL B 104 -2.20 18.99 14.64
N PHE B 105 -1.94 19.74 13.58
CA PHE B 105 -2.83 19.97 12.47
C PHE B 105 -2.23 19.42 11.20
N ALA B 106 -3.02 18.67 10.45
CA ALA B 106 -2.77 18.44 9.05
C ALA B 106 -3.20 19.68 8.28
N ALA B 107 -2.35 20.14 7.34
CA ALA B 107 -2.56 21.45 6.73
C ALA B 107 -1.83 21.54 5.42
N THR B 108 -1.89 22.72 4.78
CA THR B 108 -1.23 23.02 3.53
C THR B 108 -0.59 24.36 3.78
N ASP B 109 0.26 24.83 2.87
CA ASP B 109 0.79 26.18 3.04
C ASP B 109 -0.23 27.36 3.12
N TYR B 110 -1.27 27.31 2.34
CA TYR B 110 -2.33 28.27 2.37
C TYR B 110 -3.10 28.27 3.70
N THR B 111 -3.48 27.10 4.23
CA THR B 111 -4.11 27.14 5.56
C THR B 111 -3.19 27.56 6.67
N ALA B 112 -1.91 27.21 6.57
CA ALA B 112 -0.94 27.63 7.57
C ALA B 112 -0.85 29.13 7.49
N PHE B 113 -0.70 29.65 6.27
CA PHE B 113 -0.63 31.11 6.05
C PHE B 113 -1.87 31.88 6.57
N ALA B 114 -3.05 31.32 6.33
CA ALA B 114 -4.31 31.98 6.67
C ALA B 114 -4.53 31.97 8.15
N LEU B 115 -4.30 30.80 8.76
CA LEU B 115 -4.57 30.58 10.19
C LEU B 115 -3.52 31.08 11.16
N LEU B 116 -2.26 30.71 10.96
CA LEU B 116 -1.27 30.85 12.07
C LEU B 116 -0.91 32.26 12.48
N PRO B 117 -0.66 33.16 11.49
CA PRO B 117 -0.29 34.45 11.95
C PRO B 117 -1.32 35.10 12.91
N PRO B 118 -2.63 35.11 12.56
CA PRO B 118 -3.45 35.72 13.59
C PRO B 118 -3.71 34.84 14.81
N LEU B 119 -3.67 33.53 14.64
CA LEU B 119 -3.92 32.67 15.81
C LEU B 119 -2.77 32.84 16.79
N MET B 120 -1.53 32.74 16.30
CA MET B 120 -0.36 32.80 17.16
C MET B 120 -0.07 34.17 17.69
N ASN B 121 -0.55 35.21 16.98
CA ASN B 121 -0.43 36.55 17.57
C ASN B 121 -1.20 36.66 18.92
N ARG B 122 -2.33 35.95 19.01
N ARG B 122 -2.30 35.92 19.05
CA ARG B 122 -3.08 35.78 20.27
CA ARG B 122 -3.01 35.83 20.33
C ARG B 122 -2.35 34.80 21.24
C ARG B 122 -2.50 34.74 21.30
N LEU B 123 -2.16 33.57 20.76
CA LEU B 123 -1.71 32.45 21.60
C LEU B 123 -0.41 32.76 22.23
N GLN B 124 0.45 33.57 21.61
CA GLN B 124 1.78 33.77 22.17
C GLN B 124 1.64 34.43 23.55
N HIS B 125 0.48 35.08 23.79
CA HIS B 125 0.26 35.79 25.08
C HIS B 125 -0.69 34.99 26.03
N SER B 126 -1.80 34.46 25.51
CA SER B 126 -2.80 33.83 26.34
C SER B 126 -2.39 32.37 26.68
N ALA B 127 -1.50 31.79 25.85
CA ALA B 127 -1.13 30.44 26.10
C ALA B 127 0.36 30.27 25.80
N PRO B 128 1.23 30.87 26.59
CA PRO B 128 2.63 30.92 26.13
C PRO B 128 3.37 29.59 26.09
N GLY B 129 2.80 28.51 26.63
CA GLY B 129 3.50 27.20 26.52
C GLY B 129 2.90 26.25 25.51
N VAL B 130 1.77 26.63 24.90
CA VAL B 130 1.09 25.77 23.95
C VAL B 130 1.89 25.86 22.64
N ARG B 131 2.04 24.68 21.99
CA ARG B 131 2.78 24.61 20.77
C ARG B 131 1.87 24.13 19.67
N LEU B 132 2.15 24.54 18.42
CA LEU B 132 1.43 23.90 17.28
C LEU B 132 2.40 23.16 16.38
N ARG B 133 1.92 22.11 15.77
CA ARG B 133 2.75 21.39 14.83
C ARG B 133 1.85 21.11 13.63
N LEU B 134 2.19 21.68 12.47
CA LEU B 134 1.46 21.48 11.25
C LEU B 134 2.28 20.54 10.38
N VAL B 135 1.59 19.61 9.77
CA VAL B 135 2.22 18.53 8.98
C VAL B 135 1.53 18.40 7.63
N ASN B 136 2.31 18.05 6.61
CA ASN B 136 1.73 17.64 5.34
C ASN B 136 1.17 16.25 5.46
N ALA B 137 0.00 16.03 4.88
CA ALA B 137 -0.67 14.74 4.98
C ALA B 137 -0.92 14.27 3.58
N GLU B 138 -1.17 12.99 3.38
CA GLU B 138 -1.36 12.62 2.00
C GLU B 138 -2.78 12.88 1.51
N ARG B 139 -3.70 13.27 2.43
CA ARG B 139 -5.13 13.50 2.19
C ARG B 139 -5.57 14.68 3.02
N LYS B 140 -6.60 15.39 2.57
CA LYS B 140 -7.13 16.52 3.38
C LYS B 140 -7.72 15.96 4.69
N LEU B 141 -8.32 14.80 4.57
CA LEU B 141 -9.20 14.33 5.62
C LEU B 141 -9.07 12.82 5.76
N SER B 142 -8.21 12.42 6.69
CA SER B 142 -8.03 11.01 7.15
C SER B 142 -8.72 10.86 8.50
N VAL B 143 -9.84 10.13 8.52
CA VAL B 143 -10.58 9.86 9.76
C VAL B 143 -9.75 9.12 10.83
N GLU B 144 -8.89 8.21 10.39
CA GLU B 144 -8.19 7.33 11.31
C GLU B 144 -7.16 8.11 12.09
N ALA B 145 -6.44 8.95 11.37
CA ALA B 145 -5.51 9.90 11.95
C ALA B 145 -6.18 10.79 13.02
N LEU B 146 -7.33 11.33 12.66
CA LEU B 146 -8.17 12.06 13.62
C LEU B 146 -8.73 11.13 14.73
N ALA B 147 -9.18 9.93 14.38
CA ALA B 147 -9.66 8.95 15.39
C ALA B 147 -8.57 8.44 16.33
N SER B 148 -7.39 8.04 15.83
CA SER B 148 -6.26 7.64 16.75
C SER B 148 -5.68 8.74 17.62
N GLY B 149 -6.09 9.99 17.40
CA GLY B 149 -5.45 11.12 18.06
C GLY B 149 -4.00 11.45 17.66
N ARG B 150 -3.50 10.85 16.58
N ARG B 150 -3.47 10.88 16.58
CA ARG B 150 -2.20 11.25 16.00
CA ARG B 150 -2.14 11.35 16.14
C ARG B 150 -2.22 12.73 15.54
C ARG B 150 -2.17 12.70 15.38
N ILE B 151 -3.37 13.16 15.05
CA ILE B 151 -3.53 14.51 14.51
C ILE B 151 -4.74 15.01 15.29
N ASP B 152 -4.68 16.23 15.80
CA ASP B 152 -5.84 16.72 16.52
C ASP B 152 -6.86 17.27 15.53
N PHE B 153 -6.35 18.05 14.58
CA PHE B 153 -7.22 18.82 13.60
C PHE B 153 -6.75 18.61 12.18
N ALA B 154 -7.65 18.72 11.22
CA ALA B 154 -7.23 18.89 9.86
C ALA B 154 -7.81 20.19 9.32
N LEU B 155 -7.08 20.83 8.41
CA LEU B 155 -7.50 22.09 7.85
C LEU B 155 -7.72 21.90 6.37
N GLY B 156 -8.77 22.50 5.83
CA GLY B 156 -8.86 22.71 4.40
C GLY B 156 -10.19 23.38 4.15
N TYR B 157 -10.79 23.03 3.02
CA TYR B 157 -12.18 23.45 2.84
C TYR B 157 -12.99 22.47 2.08
N ASP B 158 -14.30 22.74 2.14
CA ASP B 158 -15.35 22.09 1.33
C ASP B 158 -15.92 20.82 1.96
N ARG B 163 -20.02 16.45 1.74
CA ARG B 163 -20.64 15.82 2.93
C ARG B 163 -19.60 15.08 3.80
N LEU B 164 -19.61 15.40 5.10
CA LEU B 164 -18.58 14.92 6.03
C LEU B 164 -18.61 13.42 6.32
N PRO B 165 -17.43 12.77 6.34
CA PRO B 165 -17.34 11.38 6.77
C PRO B 165 -17.87 11.26 8.17
N GLU B 166 -17.97 10.03 8.68
CA GLU B 166 -18.65 9.74 9.93
C GLU B 166 -17.75 9.82 11.13
N GLY B 167 -18.24 10.45 12.18
CA GLY B 167 -17.39 10.76 13.32
C GLY B 167 -16.67 12.11 13.12
N ILE B 168 -16.85 12.77 11.96
CA ILE B 168 -16.14 14.02 11.66
C ILE B 168 -17.06 15.19 11.71
N GLN B 169 -16.63 16.25 12.42
CA GLN B 169 -17.30 17.57 12.32
C GLN B 169 -16.37 18.69 11.85
N ALA B 170 -16.96 19.84 11.53
CA ALA B 170 -16.20 20.94 11.04
C ALA B 170 -16.66 22.18 11.74
N HIS B 171 -15.73 23.14 11.80
CA HIS B 171 -15.95 24.48 12.30
C HIS B 171 -15.35 25.37 11.29
N ASP B 172 -16.19 26.20 10.68
CA ASP B 172 -15.72 27.10 9.65
C ASP B 172 -15.08 28.29 10.28
N TRP B 173 -13.99 28.80 9.66
CA TRP B 173 -13.23 29.89 10.31
C TRP B 173 -12.75 31.02 9.40
N PHE B 174 -13.02 30.88 8.10
CA PHE B 174 -12.62 31.89 7.12
C PHE B 174 -13.32 31.65 5.80
N ALA B 175 -13.79 32.70 5.18
CA ALA B 175 -14.48 32.52 3.93
C ALA B 175 -13.94 33.58 3.04
N ASP B 176 -13.72 33.19 1.78
CA ASP B 176 -13.10 34.00 0.76
C ASP B 176 -13.49 33.51 -0.66
N ARG B 177 -12.85 34.11 -1.65
CA ARG B 177 -13.06 33.70 -3.04
C ARG B 177 -11.76 33.57 -3.78
N TYR B 178 -11.84 32.88 -4.91
CA TYR B 178 -10.79 32.80 -5.89
C TYR B 178 -10.79 33.97 -6.90
N VAL B 179 -9.58 34.33 -7.35
CA VAL B 179 -9.38 35.34 -8.37
C VAL B 179 -8.38 34.75 -9.34
N VAL B 180 -8.33 35.38 -10.51
CA VAL B 180 -7.30 35.07 -11.50
C VAL B 180 -6.15 36.05 -11.36
N VAL B 181 -4.94 35.46 -11.27
CA VAL B 181 -3.72 36.21 -11.01
C VAL B 181 -2.85 36.12 -12.24
N ALA B 182 -2.26 37.27 -12.63
CA ALA B 182 -1.25 37.25 -13.69
C ALA B 182 -0.21 38.27 -13.28
N ARG B 183 0.98 38.17 -13.85
CA ARG B 183 1.93 39.15 -13.57
C ARG B 183 1.40 40.50 -14.09
N ARG B 184 1.90 41.56 -13.45
CA ARG B 184 1.48 42.94 -13.68
C ARG B 184 1.52 43.40 -15.13
N ASP B 185 2.56 43.03 -15.83
CA ASP B 185 2.66 43.56 -17.23
C ASP B 185 2.58 42.49 -18.23
N HIS B 186 1.58 41.62 -18.00
CA HIS B 186 1.34 40.46 -18.82
C HIS B 186 1.03 41.01 -20.24
N PRO B 187 1.66 40.47 -21.30
CA PRO B 187 1.49 41.05 -22.64
C PRO B 187 0.04 41.05 -23.20
N ARG B 188 -0.82 40.19 -22.65
CA ARG B 188 -2.13 39.98 -23.25
C ARG B 188 -3.31 40.32 -22.36
N LEU B 189 -3.05 41.13 -21.35
CA LEU B 189 -4.09 41.58 -20.42
C LEU B 189 -4.16 43.12 -20.33
N ALA B 190 -5.36 43.69 -20.56
CA ALA B 190 -5.62 45.14 -20.36
C ALA B 190 -6.93 45.20 -19.58
N GLY B 191 -7.29 44.07 -19.03
CA GLY B 191 -8.34 43.98 -18.00
C GLY B 191 -8.54 42.50 -17.79
N ALA B 192 -9.65 42.16 -17.16
CA ALA B 192 -9.98 40.80 -16.81
C ALA B 192 -9.97 39.91 -18.07
N PRO B 193 -9.37 38.70 -18.00
CA PRO B 193 -9.53 37.87 -19.22
C PRO B 193 -10.99 37.51 -19.40
N THR B 194 -11.36 37.22 -20.67
CA THR B 194 -12.65 36.67 -21.08
C THR B 194 -12.44 35.20 -20.85
N LEU B 195 -13.50 34.40 -20.82
CA LEU B 195 -13.36 32.94 -20.87
C LEU B 195 -12.34 32.48 -21.93
N GLU B 196 -12.48 32.97 -23.16
CA GLU B 196 -11.60 32.53 -24.23
C GLU B 196 -10.15 32.93 -23.99
N GLY B 197 -9.94 34.14 -23.52
CA GLY B 197 -8.63 34.64 -23.18
C GLY B 197 -7.96 33.84 -22.05
N TYR B 198 -8.74 33.48 -21.02
CA TYR B 198 -8.29 32.59 -19.92
C TYR B 198 -7.88 31.23 -20.46
N LEU B 199 -8.75 30.60 -21.24
CA LEU B 199 -8.41 29.33 -21.90
C LEU B 199 -7.34 29.34 -23.00
N ALA B 200 -6.87 30.53 -23.43
CA ALA B 200 -5.75 30.63 -24.38
C ALA B 200 -4.37 30.61 -23.75
N GLU B 201 -4.31 30.88 -22.43
CA GLU B 201 -3.06 30.93 -21.70
C GLU B 201 -2.73 29.56 -21.12
N ARG B 202 -1.47 29.42 -20.67
CA ARG B 202 -1.05 28.25 -19.87
C ARG B 202 -1.17 28.63 -18.41
N HIS B 203 -1.46 27.63 -17.59
CA HIS B 203 -1.84 27.81 -16.23
C HIS B 203 -0.94 27.15 -15.22
N ALA B 204 -0.82 27.83 -14.11
CA ALA B 204 -0.20 27.21 -12.91
C ALA B 204 -1.37 26.71 -12.09
N VAL B 205 -1.20 25.49 -11.57
CA VAL B 205 -2.26 24.88 -10.71
C VAL B 205 -1.72 24.33 -9.39
N VAL B 206 -2.43 24.60 -8.32
CA VAL B 206 -2.07 24.16 -6.97
C VAL B 206 -2.83 22.90 -6.73
N THR B 207 -2.06 21.83 -6.47
CA THR B 207 -2.60 20.55 -6.09
C THR B 207 -1.98 20.15 -4.72
N PRO B 208 -2.58 20.55 -3.58
CA PRO B 208 -1.87 20.38 -2.31
C PRO B 208 -1.57 18.93 -1.80
N TRP B 209 -2.19 17.92 -2.41
CA TRP B 209 -2.07 16.52 -2.02
C TRP B 209 -1.73 15.76 -3.27
N ASN B 210 -1.07 16.46 -4.18
CA ASN B 210 -0.54 15.80 -5.35
C ASN B 210 -1.64 15.14 -6.21
N GLU B 211 -2.85 15.66 -6.11
CA GLU B 211 -3.98 15.26 -6.98
C GLU B 211 -3.64 15.42 -8.46
N ASP B 212 -4.45 14.80 -9.31
CA ASP B 212 -4.20 14.77 -10.77
C ASP B 212 -4.51 16.08 -11.50
N SER B 213 -5.54 16.75 -10.99
CA SER B 213 -5.94 18.04 -11.47
C SER B 213 -6.18 18.97 -10.27
N GLY B 214 -6.26 20.29 -10.49
CA GLY B 214 -6.61 21.22 -9.43
C GLY B 214 -8.10 21.32 -9.24
N VAL B 215 -8.53 21.96 -8.15
CA VAL B 215 -9.96 22.21 -7.84
C VAL B 215 -10.66 23.00 -8.97
N ILE B 216 -9.86 23.85 -9.67
CA ILE B 216 -10.39 24.69 -10.75
C ILE B 216 -10.60 23.82 -11.97
N ASP B 217 -9.69 22.89 -12.21
CA ASP B 217 -9.85 21.93 -13.28
C ASP B 217 -11.09 21.11 -13.13
N ARG B 218 -11.37 20.66 -11.93
CA ARG B 218 -12.55 19.82 -11.76
C ARG B 218 -13.87 20.64 -11.91
N LEU B 219 -13.84 21.87 -11.41
CA LEU B 219 -14.89 22.87 -11.60
C LEU B 219 -15.20 23.12 -13.07
N LEU B 220 -14.17 23.38 -13.87
CA LEU B 220 -14.30 23.61 -15.28
C LEU B 220 -14.80 22.36 -16.02
N ALA B 221 -14.43 21.18 -15.52
CA ALA B 221 -14.89 19.95 -16.11
C ALA B 221 -16.40 19.82 -16.08
N ARG B 222 -17.03 20.26 -14.99
CA ARG B 222 -18.49 20.23 -14.91
C ARG B 222 -19.17 20.89 -16.13
N SER B 223 -18.48 21.85 -16.75
CA SER B 223 -18.94 22.55 -17.95
C SER B 223 -18.21 22.10 -19.21
N GLY B 224 -17.51 20.96 -19.14
CA GLY B 224 -16.83 20.40 -20.30
C GLY B 224 -15.63 21.23 -20.78
N LEU B 225 -15.10 22.09 -19.89
CA LEU B 225 -13.99 22.96 -20.18
C LEU B 225 -12.76 22.35 -19.53
N ARG B 226 -11.62 22.62 -20.16
CA ARG B 226 -10.33 22.09 -19.79
C ARG B 226 -9.32 23.20 -20.08
N ARG B 227 -8.43 23.49 -19.13
CA ARG B 227 -7.36 24.44 -19.39
C ARG B 227 -6.02 23.77 -19.67
N GLU B 228 -5.14 24.48 -20.36
CA GLU B 228 -3.77 24.02 -20.52
C GLU B 228 -2.90 24.28 -19.29
N VAL B 229 -2.34 23.19 -18.75
CA VAL B 229 -1.58 23.25 -17.52
C VAL B 229 -0.09 23.26 -17.82
N ALA B 230 0.62 24.31 -17.44
CA ALA B 230 2.07 24.34 -17.55
C ALA B 230 2.75 23.74 -16.28
N VAL B 231 2.29 24.08 -15.07
CA VAL B 231 2.98 23.62 -13.83
C VAL B 231 1.94 23.23 -12.82
N GLN B 232 2.08 22.09 -12.16
CA GLN B 232 1.29 21.78 -10.92
C GLN B 232 2.29 21.76 -9.77
N LEU B 233 1.88 22.26 -8.61
CA LEU B 233 2.75 22.34 -7.43
C LEU B 233 1.81 22.42 -6.24
N PRO B 234 2.21 21.92 -5.04
CA PRO B 234 1.34 21.88 -3.84
C PRO B 234 1.17 23.15 -3.08
N THR B 235 1.97 24.16 -3.43
CA THR B 235 2.12 25.33 -2.59
C THR B 235 1.63 26.59 -3.32
N VAL B 236 0.67 27.28 -2.73
CA VAL B 236 0.08 28.49 -3.35
C VAL B 236 1.03 29.69 -3.26
N LEU B 237 1.73 29.85 -2.14
CA LEU B 237 2.59 31.04 -2.01
C LEU B 237 3.72 31.03 -3.02
N ALA B 238 4.24 29.84 -3.33
CA ALA B 238 5.27 29.68 -4.34
C ALA B 238 4.63 29.87 -5.69
N ALA B 239 3.40 29.32 -5.87
CA ALA B 239 2.67 29.45 -7.14
C ALA B 239 2.57 30.95 -7.52
N LEU B 240 2.39 31.82 -6.50
CA LEU B 240 2.13 33.27 -6.75
C LEU B 240 3.44 33.89 -7.28
N PHE B 241 4.59 33.49 -6.74
CA PHE B 241 5.86 33.97 -7.31
C PHE B 241 6.11 33.45 -8.68
N LEU B 242 5.73 32.19 -8.96
CA LEU B 242 5.73 31.66 -10.31
C LEU B 242 4.86 32.53 -11.31
N ALA B 243 3.62 32.80 -10.98
CA ALA B 243 2.74 33.70 -11.81
C ALA B 243 3.42 35.06 -12.04
N GLY B 244 4.10 35.59 -11.03
CA GLY B 244 4.80 36.89 -11.14
C GLY B 244 5.96 36.95 -12.11
N SER B 245 6.54 35.79 -12.49
CA SER B 245 7.77 35.72 -13.28
C SER B 245 7.52 35.05 -14.61
N THR B 246 6.26 34.80 -14.92
CA THR B 246 5.92 34.15 -16.18
C THR B 246 4.64 34.74 -16.77
N ASP B 247 4.25 34.22 -17.91
CA ASP B 247 2.96 34.63 -18.51
C ASP B 247 1.82 33.71 -18.15
N PHE B 248 2.08 32.80 -17.18
CA PHE B 248 1.06 31.86 -16.70
C PHE B 248 0.00 32.52 -15.85
N LEU B 249 -1.21 31.99 -15.97
CA LEU B 249 -2.29 32.41 -15.11
C LEU B 249 -2.41 31.47 -13.88
N LEU B 250 -2.73 32.03 -12.72
CA LEU B 250 -3.01 31.21 -11.51
C LEU B 250 -4.35 31.63 -10.95
N THR B 251 -5.19 30.64 -10.72
CA THR B 251 -6.49 30.90 -10.08
C THR B 251 -6.34 30.53 -8.65
N ALA B 252 -6.27 31.57 -7.79
CA ALA B 252 -5.87 31.41 -6.38
C ALA B 252 -6.84 32.05 -5.39
N PRO B 253 -6.80 31.63 -4.09
CA PRO B 253 -7.47 32.34 -3.01
C PRO B 253 -7.03 33.81 -2.99
N ARG B 254 -8.00 34.70 -2.99
CA ARG B 254 -7.73 36.16 -3.03
C ARG B 254 -6.96 36.66 -1.82
N HIS B 255 -7.21 36.04 -0.68
CA HIS B 255 -6.54 36.40 0.56
C HIS B 255 -5.02 36.21 0.40
N ALA B 256 -4.57 35.08 -0.17
CA ALA B 256 -3.12 34.92 -0.51
C ALA B 256 -2.58 35.87 -1.61
N ALA B 257 -3.30 35.95 -2.71
CA ALA B 257 -2.95 36.83 -3.83
C ALA B 257 -2.78 38.27 -3.39
N ARG B 258 -3.70 38.84 -2.63
CA ARG B 258 -3.47 40.22 -2.14
C ARG B 258 -2.25 40.36 -1.29
N ALA B 259 -1.98 39.36 -0.41
CA ALA B 259 -0.80 39.45 0.48
C ALA B 259 0.53 39.53 -0.33
N LEU B 260 0.56 38.85 -1.46
CA LEU B 260 1.76 38.74 -2.27
C LEU B 260 1.73 39.62 -3.52
N ALA B 261 0.67 40.38 -3.76
CA ALA B 261 0.60 41.16 -5.01
C ALA B 261 1.78 42.06 -5.22
N GLU B 262 2.20 42.85 -4.22
CA GLU B 262 3.37 43.72 -4.38
C GLU B 262 4.70 42.92 -4.39
N ALA B 263 4.84 41.88 -3.56
CA ALA B 263 6.15 41.12 -3.55
C ALA B 263 6.36 40.34 -4.82
N ALA B 264 5.30 39.80 -5.39
CA ALA B 264 5.47 39.00 -6.60
C ALA B 264 5.20 39.79 -7.90
N GLY B 265 4.68 41.02 -7.78
CA GLY B 265 4.37 41.90 -8.92
C GLY B 265 3.14 41.39 -9.65
N LEU B 266 2.00 41.38 -9.00
CA LEU B 266 0.85 40.66 -9.57
C LEU B 266 -0.35 41.55 -9.81
N ALA B 267 -1.20 41.13 -10.72
CA ALA B 267 -2.47 41.77 -10.96
C ALA B 267 -3.55 40.76 -10.67
N LEU B 268 -4.62 41.19 -10.04
CA LEU B 268 -5.67 40.24 -9.72
C LEU B 268 -6.99 40.64 -10.40
N TYR B 269 -7.68 39.63 -10.94
CA TYR B 269 -8.85 39.80 -11.77
C TYR B 269 -9.94 38.82 -11.38
N PRO B 270 -11.21 39.21 -11.64
CA PRO B 270 -12.29 38.25 -11.50
C PRO B 270 -12.14 37.19 -12.56
N ALA B 271 -12.76 36.06 -12.26
CA ALA B 271 -12.68 34.92 -13.18
C ALA B 271 -13.87 35.08 -14.08
N PRO B 272 -13.70 34.71 -15.34
CA PRO B 272 -14.81 34.82 -16.28
C PRO B 272 -15.70 33.55 -16.30
N PHE B 273 -15.83 32.90 -15.15
CA PHE B 273 -16.78 31.83 -14.95
C PHE B 273 -17.06 31.84 -13.42
N ASP B 274 -18.13 31.19 -13.01
CA ASP B 274 -18.51 31.34 -11.63
C ASP B 274 -17.61 30.41 -10.78
N ILE B 275 -17.16 30.89 -9.64
CA ILE B 275 -16.48 30.03 -8.68
C ILE B 275 -17.13 30.37 -7.41
N PRO B 276 -17.78 29.37 -6.80
CA PRO B 276 -18.43 29.52 -5.52
C PRO B 276 -17.41 30.01 -4.45
N PRO B 277 -17.85 30.93 -3.55
CA PRO B 277 -16.92 31.28 -2.50
C PRO B 277 -16.69 30.03 -1.67
N TYR B 278 -15.48 29.92 -1.12
CA TYR B 278 -15.04 28.74 -0.35
C TYR B 278 -15.01 29.20 1.12
N VAL B 279 -15.00 28.22 2.03
CA VAL B 279 -14.89 28.50 3.45
C VAL B 279 -13.81 27.57 4.05
N LEU B 280 -12.82 28.14 4.70
CA LEU B 280 -11.79 27.34 5.32
C LEU B 280 -12.34 26.74 6.58
N ARG B 281 -12.14 25.47 6.72
CA ARG B 281 -12.64 24.84 7.90
C ARG B 281 -11.60 23.96 8.64
N LEU B 282 -11.93 23.75 9.89
CA LEU B 282 -11.22 22.92 10.84
C LEU B 282 -12.02 21.65 11.01
N TYR B 283 -11.40 20.55 10.63
CA TYR B 283 -12.02 19.20 10.86
C TYR B 283 -11.49 18.55 12.11
N SER B 284 -12.38 17.92 12.86
CA SER B 284 -12.02 17.13 14.01
C SER B 284 -12.85 15.81 14.17
N HIS B 285 -12.35 14.92 15.01
CA HIS B 285 -13.14 13.68 15.28
C HIS B 285 -14.20 13.89 16.39
N VAL B 286 -15.47 13.49 16.16
CA VAL B 286 -16.51 13.52 17.23
C VAL B 286 -16.07 12.91 18.57
N GLN B 287 -15.27 11.86 18.54
CA GLN B 287 -14.81 11.34 19.82
C GLN B 287 -14.21 12.43 20.71
N HIS B 288 -13.57 13.43 20.08
CA HIS B 288 -12.53 14.31 20.67
C HIS B 288 -13.00 15.70 21.12
N ARG B 291 -13.98 16.80 25.23
CA ARG B 291 -12.51 16.99 25.30
C ARG B 291 -12.06 18.45 25.35
N ASP B 292 -11.49 18.78 26.49
CA ASP B 292 -11.30 20.15 26.94
C ASP B 292 -10.29 20.89 26.02
N ALA B 293 -9.14 20.27 25.74
CA ALA B 293 -8.10 20.91 24.91
C ALA B 293 -8.67 21.33 23.54
N HIS B 294 -9.34 20.38 22.88
CA HIS B 294 -9.99 20.56 21.58
C HIS B 294 -11.02 21.65 21.49
N ALA B 295 -11.99 21.63 22.41
CA ALA B 295 -12.93 22.74 22.63
C ALA B 295 -12.25 24.10 22.83
N TRP B 296 -11.18 24.13 23.62
CA TRP B 296 -10.51 25.40 23.85
C TRP B 296 -9.99 25.95 22.48
N MET B 297 -9.33 25.07 21.72
CA MET B 297 -8.78 25.47 20.42
C MET B 297 -9.87 25.90 19.44
N ILE B 298 -10.96 25.13 19.35
CA ILE B 298 -12.08 25.48 18.52
C ILE B 298 -12.58 26.86 18.93
N GLY B 299 -12.68 27.09 20.24
CA GLY B 299 -13.08 28.42 20.74
C GLY B 299 -12.14 29.53 20.32
N GLN B 300 -10.83 29.25 20.23
CA GLN B 300 -9.84 30.25 19.79
C GLN B 300 -10.02 30.66 18.33
N LEU B 301 -10.49 29.75 17.51
CA LEU B 301 -10.74 30.05 16.10
C LEU B 301 -11.78 31.16 15.84
N LYS B 302 -12.60 31.48 16.86
CA LYS B 302 -13.53 32.64 16.89
C LYS B 302 -12.98 34.05 16.84
N GLY B 303 -12.43 34.53 17.96
CA GLY B 303 -12.11 35.96 18.07
C GLY B 303 -11.22 36.40 16.93
N LEU B 304 -11.01 35.46 16.01
CA LEU B 304 -9.98 35.58 15.04
C LEU B 304 -10.45 36.41 13.88
N ASP B 305 -9.92 37.63 13.80
CA ASP B 305 -9.99 38.33 12.53
C ASP B 305 -8.84 37.86 11.65
N ILE B 306 -9.19 37.12 10.61
CA ILE B 306 -8.28 36.85 9.52
C ILE B 306 -8.42 38.07 8.58
N SER B 307 -7.29 38.69 8.21
CA SER B 307 -7.27 40.03 7.56
C SER B 307 -8.58 40.39 6.79
N HIS C 4 4.97 14.68 26.90
CA HIS C 4 3.72 14.13 26.32
C HIS C 4 2.49 14.69 27.05
N PRO C 5 2.63 15.95 27.59
CA PRO C 5 3.73 16.46 28.47
C PRO C 5 3.37 16.14 29.93
N LEU C 6 2.16 15.63 30.11
CA LEU C 6 1.67 15.05 31.36
C LEU C 6 2.30 13.67 31.64
N LEU C 7 2.84 13.01 30.61
CA LEU C 7 3.42 11.66 30.78
C LEU C 7 4.78 11.87 31.34
N ARG C 8 5.37 12.99 30.90
CA ARG C 8 6.71 13.32 31.30
C ARG C 8 6.72 13.59 32.79
N ARG C 9 5.60 14.07 33.30
CA ARG C 9 5.43 14.43 34.71
C ARG C 9 5.13 13.24 35.65
N LEU C 10 4.54 12.18 35.12
CA LEU C 10 4.07 11.09 35.94
C LEU C 10 5.14 10.03 36.04
N ASP C 11 5.37 9.53 37.24
CA ASP C 11 6.13 8.27 37.35
C ASP C 11 5.25 7.13 36.81
N LEU C 12 5.43 6.84 35.52
CA LEU C 12 4.73 5.76 34.84
C LEU C 12 4.74 4.37 35.52
N ASN C 13 5.77 4.09 36.33
CA ASN C 13 5.83 2.79 37.01
C ASN C 13 4.69 2.67 37.97
N LEU C 14 4.23 3.80 38.51
CA LEU C 14 3.06 3.80 39.41
C LEU C 14 1.80 3.35 38.72
N LEU C 15 1.80 3.33 37.39
CA LEU C 15 0.60 2.88 36.64
C LEU C 15 0.43 1.38 36.65
N LEU C 16 1.49 0.62 36.89
CA LEU C 16 1.29 -0.84 37.09
C LEU C 16 0.59 -1.12 38.39
N VAL C 17 0.75 -0.21 39.39
CA VAL C 17 0.12 -0.37 40.72
C VAL C 17 -1.35 -0.03 40.55
N PHE C 18 -1.62 1.08 39.88
CA PHE C 18 -2.96 1.43 39.47
C PHE C 18 -3.67 0.24 38.77
N ASP C 19 -3.04 -0.30 37.74
CA ASP C 19 -3.65 -1.36 36.95
C ASP C 19 -3.92 -2.67 37.79
N ALA C 20 -2.92 -3.11 38.55
CA ALA C 20 -3.05 -4.26 39.44
C ALA C 20 -4.18 -4.07 40.49
N LEU C 21 -4.27 -2.86 41.07
CA LEU C 21 -5.27 -2.58 42.08
C LEU C 21 -6.64 -2.53 41.41
N TYR C 22 -6.74 -1.97 40.19
CA TYR C 22 -8.04 -1.92 39.51
C TYR C 22 -8.69 -3.31 39.18
N ARG C 23 -7.83 -4.25 38.80
CA ARG C 23 -8.16 -5.64 38.51
C ARG C 23 -8.42 -6.45 39.79
N HIS C 24 -7.58 -6.33 40.82
CA HIS C 24 -7.71 -7.15 42.03
C HIS C 24 -8.68 -6.57 43.00
N ARG C 25 -8.82 -5.23 43.03
CA ARG C 25 -9.63 -4.50 44.03
C ARG C 25 -9.30 -4.81 45.50
N ASN C 26 -8.08 -5.26 45.74
CA ASN C 26 -7.60 -5.69 47.02
C ASN C 26 -6.08 -5.46 47.01
N VAL C 27 -5.55 -4.80 48.04
CA VAL C 27 -4.13 -4.47 48.06
C VAL C 27 -3.22 -5.65 48.29
N GLY C 28 -3.66 -6.64 49.05
CA GLY C 28 -2.82 -7.81 49.25
C GLY C 28 -2.58 -8.61 48.00
N THR C 29 -3.62 -8.89 47.25
CA THR C 29 -3.32 -9.58 45.98
C THR C 29 -2.70 -8.75 44.85
N ALA C 30 -2.92 -7.43 44.85
CA ALA C 30 -2.29 -6.59 43.83
C ALA C 30 -0.79 -6.59 44.17
N ALA C 31 -0.46 -6.43 45.44
CA ALA C 31 0.93 -6.40 45.87
C ALA C 31 1.64 -7.72 45.53
N SER C 32 1.09 -8.86 45.94
CA SER C 32 1.73 -10.13 45.56
C SER C 32 1.78 -10.32 44.03
N GLU C 33 0.77 -9.88 43.27
CA GLU C 33 0.97 -9.85 41.80
C GLU C 33 2.27 -9.07 41.41
N LEU C 34 2.57 -7.95 42.10
CA LEU C 34 3.70 -7.11 41.73
C LEU C 34 5.00 -7.50 42.44
N ALA C 35 4.91 -8.46 43.38
CA ALA C 35 6.06 -8.98 44.17
C ALA C 35 6.65 -7.86 44.94
N ILE C 36 5.79 -7.07 45.57
CA ILE C 36 6.28 -6.01 46.48
C ILE C 36 5.58 -6.11 47.80
N SER C 37 6.28 -5.69 48.85
CA SER C 37 5.72 -5.69 50.18
C SER C 37 4.47 -4.83 50.30
N ALA C 38 3.79 -5.00 51.42
CA ALA C 38 2.51 -4.34 51.65
C ALA C 38 2.73 -2.86 51.79
N SER C 39 3.78 -2.49 52.50
CA SER C 39 4.07 -1.10 52.79
C SER C 39 4.61 -0.39 51.55
N ALA C 40 5.29 -1.16 50.68
CA ALA C 40 5.81 -0.65 49.43
C ALA C 40 4.62 -0.31 48.53
N PHE C 41 3.68 -1.25 48.45
CA PHE C 41 2.43 -1.05 47.74
C PHE C 41 1.69 0.18 48.23
N SER C 42 1.61 0.32 49.53
CA SER C 42 0.76 1.35 50.10
C SER C 42 1.42 2.73 49.84
N HIS C 43 2.76 2.79 49.91
CA HIS C 43 3.52 4.00 49.60
C HIS C 43 3.25 4.35 48.13
N ALA C 44 3.31 3.36 47.24
CA ALA C 44 3.16 3.60 45.79
C ALA C 44 1.79 4.15 45.51
N LEU C 45 0.78 3.55 46.16
CA LEU C 45 -0.60 4.02 45.97
C LEU C 45 -0.71 5.48 46.47
N GLY C 46 0.01 5.82 47.56
CA GLY C 46 0.03 7.15 48.11
C GLY C 46 0.64 8.14 47.11
N ARG C 47 1.77 7.78 46.51
CA ARG C 47 2.37 8.59 45.47
C ARG C 47 1.44 8.81 44.25
N LEU C 48 0.75 7.76 43.81
CA LEU C 48 -0.13 7.86 42.68
C LEU C 48 -1.30 8.76 43.06
N ARG C 49 -1.81 8.68 44.28
CA ARG C 49 -2.92 9.58 44.67
C ARG C 49 -2.47 11.08 44.62
N GLN C 50 -1.23 11.32 45.00
CA GLN C 50 -0.63 12.66 44.88
C GLN C 50 -0.39 13.02 43.42
N GLY C 51 0.13 12.09 42.62
CA GLY C 51 0.29 12.31 41.19
C GLY C 51 -0.98 12.62 40.38
N LEU C 52 -2.15 12.12 40.82
CA LEU C 52 -3.37 12.25 40.06
C LEU C 52 -4.30 13.14 40.80
N ASP C 53 -3.83 13.58 41.98
CA ASP C 53 -4.61 14.39 42.88
C ASP C 53 -6.04 13.84 43.02
N ASP C 54 -6.15 12.59 43.49
CA ASP C 54 -7.42 11.89 43.61
C ASP C 54 -7.10 10.66 44.50
N GLU C 55 -8.12 10.24 45.25
CA GLU C 55 -8.17 9.04 46.06
C GLU C 55 -8.05 7.80 45.22
N LEU C 56 -8.72 7.79 44.08
CA LEU C 56 -8.61 6.70 43.07
C LEU C 56 -9.39 5.46 43.50
N PHE C 57 -9.13 5.03 44.74
CA PHE C 57 -9.86 3.91 45.37
C PHE C 57 -10.20 4.25 46.82
N LEU C 58 -11.46 4.01 47.21
CA LEU C 58 -11.90 4.04 48.62
C LEU C 58 -11.98 2.62 49.27
N ARG C 59 -11.41 2.50 50.46
CA ARG C 59 -11.42 1.24 51.17
C ARG C 59 -12.75 0.94 51.87
N GLN C 60 -13.31 -0.24 51.61
CA GLN C 60 -14.42 -0.83 52.39
C GLN C 60 -13.98 -2.21 52.84
N GLY C 61 -13.44 -2.31 54.05
CA GLY C 61 -12.96 -3.58 54.49
C GLY C 61 -11.62 -3.81 53.86
N ASN C 62 -11.50 -4.84 53.04
CA ASN C 62 -10.34 -4.97 52.20
C ASN C 62 -10.73 -4.71 50.77
N ARG C 63 -11.97 -4.29 50.53
CA ARG C 63 -12.40 -4.07 49.16
C ARG C 63 -12.05 -2.61 48.71
N MET C 64 -11.32 -2.49 47.59
CA MET C 64 -10.90 -1.17 47.10
C MET C 64 -11.79 -0.76 45.95
N GLN C 65 -12.60 0.23 46.20
CA GLN C 65 -13.58 0.68 45.25
C GLN C 65 -13.07 1.93 44.51
N PRO C 66 -12.96 1.84 43.16
CA PRO C 66 -12.45 2.90 42.30
C PRO C 66 -13.38 4.12 42.26
N THR C 67 -12.82 5.32 42.39
CA THR C 67 -13.59 6.56 42.14
C THR C 67 -14.00 6.54 40.65
N GLN C 68 -14.93 7.41 40.28
CA GLN C 68 -15.49 7.43 38.90
C GLN C 68 -14.43 7.90 37.87
N ARG C 69 -13.58 8.82 38.32
CA ARG C 69 -12.34 9.18 37.64
C ARG C 69 -11.50 7.98 37.28
N ALA C 70 -11.17 7.17 38.29
CA ALA C 70 -10.30 5.99 38.17
C ALA C 70 -10.87 5.04 37.13
N GLU C 71 -12.18 4.95 37.10
CA GLU C 71 -12.89 4.14 36.12
C GLU C 71 -12.53 4.50 34.67
N HIS C 72 -12.52 5.81 34.33
CA HIS C 72 -12.21 6.30 32.94
C HIS C 72 -10.78 5.95 32.51
N LEU C 73 -9.88 6.06 33.48
CA LEU C 73 -8.45 5.88 33.28
C LEU C 73 -8.01 4.42 33.15
N ALA C 74 -8.78 3.47 33.70
CA ALA C 74 -8.27 2.10 33.78
C ALA C 74 -8.23 1.42 32.47
N ALA C 75 -9.14 1.81 31.60
CA ALA C 75 -9.22 1.20 30.27
C ALA C 75 -8.00 1.64 29.42
N ALA C 76 -7.71 2.94 29.46
CA ALA C 76 -6.50 3.60 28.89
C ALA C 76 -5.21 2.95 29.39
N VAL C 77 -5.07 2.80 30.72
CA VAL C 77 -3.92 2.03 31.28
C VAL C 77 -3.86 0.59 30.81
N ALA C 78 -5.05 -0.04 30.76
CA ALA C 78 -5.05 -1.45 30.31
C ALA C 78 -4.68 -1.56 28.86
N ALA C 79 -5.16 -0.64 28.04
CA ALA C 79 -4.82 -0.69 26.63
C ALA C 79 -3.28 -0.47 26.44
N ALA C 80 -2.76 0.50 27.19
CA ALA C 80 -1.37 0.89 27.06
C ALA C 80 -0.47 -0.29 27.45
N LEU C 81 -0.80 -0.90 28.58
CA LEU C 81 -0.03 -2.05 29.09
C LEU C 81 -0.15 -3.26 28.15
N ARG C 82 -1.32 -3.41 27.53
CA ARG C 82 -1.48 -4.51 26.58
C ARG C 82 -0.58 -4.30 25.38
N ALA C 83 -0.55 -3.08 24.84
CA ALA C 83 0.35 -2.78 23.68
C ALA C 83 1.83 -3.00 24.03
N LEU C 84 2.25 -2.51 25.19
CA LEU C 84 3.61 -2.75 25.66
C LEU C 84 3.97 -4.21 25.79
N GLY C 85 3.12 -4.97 26.48
CA GLY C 85 3.41 -6.39 26.67
C GLY C 85 3.60 -7.15 25.36
N GLU C 86 2.83 -6.79 24.33
CA GLU C 86 2.85 -7.44 23.04
C GLU C 86 4.12 -7.12 22.29
N GLY C 87 4.58 -5.88 22.39
CA GLY C 87 5.82 -5.49 21.75
C GLY C 87 6.99 -6.08 22.47
N LEU C 88 6.81 -6.35 23.76
CA LEU C 88 7.90 -6.88 24.54
C LEU C 88 7.94 -8.42 24.60
N GLU C 89 6.99 -9.09 23.95
CA GLU C 89 6.93 -10.57 23.93
C GLU C 89 8.23 -11.14 23.36
N GLU C 90 8.71 -10.46 22.33
CA GLU C 90 10.09 -10.54 21.83
C GLU C 90 11.11 -10.83 22.93
N TRP C 91 10.90 -10.27 24.12
CA TRP C 91 11.80 -10.45 25.25
C TRP C 91 11.38 -11.60 26.19
N ARG C 92 10.17 -12.14 26.04
CA ARG C 92 9.74 -13.31 26.87
C ARG C 92 10.65 -14.51 26.59
N PRO C 93 11.28 -15.08 27.65
CA PRO C 93 12.11 -16.29 27.45
C PRO C 93 11.27 -17.42 26.82
N PHE C 94 11.77 -18.07 25.79
CA PHE C 94 10.92 -19.07 25.12
C PHE C 94 10.85 -20.46 25.80
N VAL C 95 9.70 -20.85 26.36
CA VAL C 95 9.58 -22.24 26.83
C VAL C 95 8.48 -23.06 26.14
N PRO C 96 8.89 -24.05 25.31
CA PRO C 96 7.91 -24.77 24.47
C PRO C 96 6.65 -25.24 25.23
N GLY C 97 6.90 -25.91 26.37
CA GLY C 97 5.87 -26.55 27.11
C GLY C 97 4.86 -25.61 27.63
N GLN C 98 5.23 -24.34 27.74
CA GLN C 98 4.32 -23.35 28.35
C GLN C 98 3.93 -22.16 27.42
N SER C 99 4.73 -21.93 26.39
CA SER C 99 4.53 -20.86 25.39
C SER C 99 3.16 -20.82 24.80
N GLN C 100 2.73 -19.60 24.51
CA GLN C 100 1.38 -19.32 24.00
C GLN C 100 1.48 -18.59 22.66
N ARG C 101 2.68 -18.55 22.09
CA ARG C 101 2.85 -17.83 20.86
C ARG C 101 2.22 -18.47 19.61
N THR C 102 2.02 -17.62 18.62
CA THR C 102 1.45 -17.97 17.32
C THR C 102 2.61 -17.80 16.37
N PHE C 103 2.97 -18.89 15.69
CA PHE C 103 3.85 -18.89 14.55
C PHE C 103 3.07 -18.66 13.25
N VAL C 104 3.57 -17.74 12.42
CA VAL C 104 2.87 -17.34 11.18
C VAL C 104 3.70 -17.84 10.00
N PHE C 105 3.08 -18.69 9.18
CA PHE C 105 3.78 -19.26 8.04
C PHE C 105 3.04 -18.81 6.78
N ALA C 106 3.82 -18.57 5.72
CA ALA C 106 3.35 -18.28 4.38
C ALA C 106 3.40 -19.61 3.76
N ALA C 107 2.35 -19.97 3.05
CA ALA C 107 2.21 -21.42 2.72
C ALA C 107 1.34 -21.60 1.53
N THR C 108 1.30 -22.84 1.02
CA THR C 108 0.28 -23.18 0.04
C THR C 108 -0.64 -24.30 0.59
N ASP C 109 -1.68 -24.71 -0.15
CA ASP C 109 -2.42 -25.88 0.29
C ASP C 109 -1.48 -27.09 0.33
N TYR C 110 -0.57 -27.24 -0.61
CA TYR C 110 0.29 -28.41 -0.57
C TYR C 110 1.21 -28.45 0.66
N THR C 111 1.85 -27.34 1.00
CA THR C 111 2.82 -27.34 2.06
C THR C 111 2.07 -27.37 3.43
N ALA C 112 0.92 -26.76 3.50
CA ALA C 112 0.08 -26.92 4.71
C ALA C 112 -0.27 -28.40 4.93
N PHE C 113 -0.69 -29.06 3.84
CA PHE C 113 -0.97 -30.47 3.89
C PHE C 113 0.22 -31.30 4.31
N ALA C 114 1.41 -31.00 3.79
CA ALA C 114 2.60 -31.85 4.03
C ALA C 114 3.17 -31.68 5.47
N LEU C 115 3.18 -30.45 5.94
CA LEU C 115 3.72 -30.06 7.23
C LEU C 115 2.75 -30.19 8.40
N LEU C 116 1.56 -29.68 8.31
CA LEU C 116 0.74 -29.54 9.53
C LEU C 116 0.34 -30.84 10.22
N PRO C 117 -0.09 -31.90 9.46
CA PRO C 117 -0.49 -33.15 10.16
C PRO C 117 0.58 -33.72 11.09
N PRO C 118 1.81 -33.96 10.59
CA PRO C 118 2.80 -34.49 11.53
C PRO C 118 3.33 -33.46 12.54
N LEU C 119 3.40 -32.20 12.15
CA LEU C 119 3.93 -31.16 13.04
C LEU C 119 2.97 -31.01 14.21
N MET C 120 1.69 -30.83 13.94
CA MET C 120 0.72 -30.65 14.99
C MET C 120 0.37 -31.94 15.76
N ASN C 121 0.60 -33.09 15.14
CA ASN C 121 0.48 -34.34 15.84
C ASN C 121 1.42 -34.33 17.07
N ARG C 122 2.66 -33.85 16.88
CA ARG C 122 3.62 -33.72 17.94
C ARG C 122 3.27 -32.50 18.85
N LEU C 123 3.18 -31.31 18.26
CA LEU C 123 3.02 -30.05 19.03
C LEU C 123 1.82 -29.96 19.92
N GLN C 124 0.71 -30.59 19.53
CA GLN C 124 -0.44 -30.68 20.43
C GLN C 124 -0.07 -31.25 21.83
N HIS C 125 0.96 -32.08 21.91
CA HIS C 125 1.39 -32.71 23.17
C HIS C 125 2.54 -31.93 23.73
N SER C 126 3.56 -31.68 22.91
CA SER C 126 4.80 -31.10 23.42
C SER C 126 4.77 -29.57 23.68
N ALA C 127 3.83 -28.86 23.06
CA ALA C 127 3.77 -27.41 23.11
C ALA C 127 2.33 -27.06 23.01
N PRO C 128 1.55 -27.47 24.03
CA PRO C 128 0.09 -27.40 23.90
C PRO C 128 -0.53 -26.01 23.85
N GLY C 129 0.22 -24.95 24.13
CA GLY C 129 -0.42 -23.59 23.99
C GLY C 129 0.07 -22.89 22.73
N VAL C 130 0.98 -23.55 21.98
CA VAL C 130 1.55 -22.96 20.76
C VAL C 130 0.49 -23.08 19.64
N ARG C 131 0.29 -21.96 18.91
CA ARG C 131 -0.64 -21.85 17.83
C ARG C 131 0.10 -21.62 16.55
N LEU C 132 -0.54 -22.01 15.44
CA LEU C 132 0.00 -21.70 14.09
C LEU C 132 -1.00 -20.96 13.25
N ARG C 133 -0.49 -20.00 12.49
CA ARG C 133 -1.32 -19.23 11.51
C ARG C 133 -0.69 -19.34 10.11
N LEU C 134 -1.43 -19.95 9.20
CA LEU C 134 -0.90 -20.09 7.81
C LEU C 134 -1.66 -19.13 6.92
N VAL C 135 -0.95 -18.41 6.05
CA VAL C 135 -1.55 -17.40 5.21
C VAL C 135 -1.19 -17.68 3.77
N ASN C 136 -2.11 -17.34 2.86
CA ASN C 136 -1.79 -17.36 1.41
C ASN C 136 -1.00 -16.10 1.12
N ALA C 137 0.29 -16.19 0.86
CA ALA C 137 1.04 -15.00 0.51
C ALA C 137 1.04 -14.78 -1.02
N GLU C 138 1.30 -13.52 -1.44
CA GLU C 138 1.24 -13.19 -2.87
C GLU C 138 2.41 -13.75 -3.67
N ARG C 139 3.51 -14.07 -2.99
CA ARG C 139 4.58 -14.85 -3.60
C ARG C 139 5.20 -15.83 -2.61
N LYS C 140 5.97 -16.79 -3.12
CA LYS C 140 6.65 -17.80 -2.29
C LYS C 140 7.47 -17.17 -1.16
N LEU C 141 8.22 -16.13 -1.49
CA LEU C 141 9.31 -15.66 -0.66
C LEU C 141 9.33 -14.13 -0.71
N SER C 142 8.69 -13.50 0.28
CA SER C 142 8.70 -12.05 0.40
C SER C 142 9.62 -11.69 1.60
N VAL C 143 10.89 -11.43 1.29
CA VAL C 143 11.93 -11.05 2.26
C VAL C 143 11.48 -9.89 3.15
N GLU C 144 10.67 -9.01 2.55
CA GLU C 144 10.02 -7.90 3.26
C GLU C 144 9.24 -8.42 4.50
N ALA C 145 8.37 -9.41 4.29
CA ALA C 145 7.44 -9.84 5.33
C ALA C 145 8.18 -10.59 6.44
N LEU C 146 9.18 -11.35 6.02
CA LEU C 146 10.08 -12.05 6.91
C LEU C 146 10.87 -11.09 7.84
N ALA C 147 11.55 -10.10 7.24
CA ALA C 147 12.31 -9.05 7.98
C ALA C 147 11.49 -8.43 9.10
N SER C 148 10.36 -7.82 8.68
CA SER C 148 9.36 -7.27 9.59
C SER C 148 9.01 -8.21 10.73
N GLY C 149 9.12 -9.51 10.46
CA GLY C 149 8.55 -10.56 11.32
C GLY C 149 7.03 -10.51 11.38
N ARG C 150 6.39 -9.95 10.35
CA ARG C 150 4.92 -10.11 10.16
C ARG C 150 4.63 -11.60 9.83
N ILE C 151 5.63 -12.26 9.25
CA ILE C 151 5.61 -13.67 8.95
C ILE C 151 6.94 -14.22 9.53
N ASP C 152 6.83 -15.27 10.33
CA ASP C 152 7.98 -15.94 10.91
C ASP C 152 8.70 -16.75 9.85
N PHE C 153 7.95 -17.47 9.02
CA PHE C 153 8.53 -18.44 8.10
C PHE C 153 7.74 -18.54 6.79
N ALA C 154 8.37 -19.10 5.76
CA ALA C 154 7.69 -19.36 4.51
C ALA C 154 8.02 -20.77 4.11
N LEU C 155 7.12 -21.40 3.38
CA LEU C 155 7.31 -22.79 2.96
C LEU C 155 7.29 -22.86 1.43
N GLY C 156 8.07 -23.79 0.86
CA GLY C 156 8.04 -24.04 -0.59
C GLY C 156 9.23 -24.89 -0.97
N TYR C 157 9.57 -24.95 -2.25
CA TYR C 157 10.79 -25.58 -2.72
C TYR C 157 11.56 -24.67 -3.72
N ASP C 158 12.85 -24.94 -3.91
CA ASP C 158 13.66 -24.11 -4.84
C ASP C 158 13.53 -24.73 -6.19
N GLU C 159 13.18 -23.90 -7.16
CA GLU C 159 13.24 -24.32 -8.56
C GLU C 159 14.68 -24.19 -9.10
N GLU C 160 15.37 -25.33 -9.09
CA GLU C 160 16.53 -25.64 -9.94
C GLU C 160 17.73 -24.67 -10.03
N HIS C 161 18.70 -24.71 -9.11
CA HIS C 161 18.49 -24.80 -7.70
C HIS C 161 18.56 -23.30 -7.37
N GLU C 162 17.39 -22.67 -7.28
CA GLU C 162 17.21 -21.22 -7.16
C GLU C 162 18.21 -20.64 -6.15
N ARG C 163 18.79 -19.49 -6.48
CA ARG C 163 19.62 -18.76 -5.50
C ARG C 163 18.75 -18.02 -4.45
N LEU C 164 19.12 -18.18 -3.19
CA LEU C 164 18.44 -17.49 -2.09
C LEU C 164 18.72 -15.98 -2.04
N PRO C 165 17.64 -15.16 -1.88
CA PRO C 165 17.76 -13.70 -1.69
C PRO C 165 18.57 -13.39 -0.45
N GLU C 166 19.02 -12.14 -0.33
CA GLU C 166 19.94 -11.76 0.74
C GLU C 166 19.20 -11.58 2.04
N GLY C 167 19.77 -12.14 3.10
CA GLY C 167 19.07 -12.18 4.37
C GLY C 167 18.12 -13.38 4.54
N ILE C 168 17.88 -14.15 3.48
CA ILE C 168 17.09 -15.38 3.59
C ILE C 168 17.96 -16.62 3.78
N GLN C 169 17.65 -17.37 4.83
CA GLN C 169 18.17 -18.74 5.00
C GLN C 169 17.01 -19.78 4.85
N ALA C 170 17.37 -21.01 4.50
CA ALA C 170 16.44 -22.09 4.19
C ALA C 170 16.90 -23.38 4.88
N HIS C 171 15.95 -24.20 5.31
CA HIS C 171 16.26 -25.50 5.86
C HIS C 171 15.35 -26.54 5.24
N ASP C 172 15.95 -27.61 4.74
CA ASP C 172 15.19 -28.66 4.07
C ASP C 172 14.41 -29.52 5.04
N TRP C 173 13.16 -29.82 4.70
CA TRP C 173 12.37 -30.74 5.55
C TRP C 173 11.69 -31.99 4.93
N PHE C 174 11.64 -32.07 3.60
CA PHE C 174 11.00 -33.19 2.92
C PHE C 174 11.46 -33.29 1.47
N ALA C 175 12.08 -34.42 1.13
CA ALA C 175 12.37 -34.72 -0.30
C ALA C 175 11.25 -35.61 -0.88
N ASP C 176 10.73 -35.28 -2.04
CA ASP C 176 9.70 -36.11 -2.70
C ASP C 176 9.88 -35.99 -4.24
N ARG C 177 9.04 -36.68 -5.00
CA ARG C 177 9.03 -36.53 -6.45
C ARG C 177 7.62 -36.25 -7.00
N TYR C 178 7.58 -35.78 -8.23
CA TYR C 178 6.34 -35.62 -8.99
C TYR C 178 5.95 -36.92 -9.72
N VAL C 179 4.63 -37.14 -9.85
CA VAL C 179 4.12 -38.22 -10.62
C VAL C 179 2.97 -37.65 -11.48
N VAL C 180 2.52 -38.42 -12.48
CA VAL C 180 1.43 -38.12 -13.39
C VAL C 180 0.27 -38.93 -12.82
N VAL C 181 -0.85 -38.23 -12.67
CA VAL C 181 -2.05 -38.72 -12.10
C VAL C 181 -3.12 -38.64 -13.18
N ALA C 182 -3.94 -39.69 -13.31
CA ALA C 182 -5.15 -39.70 -14.16
C ALA C 182 -6.24 -40.35 -13.37
N ARG C 183 -7.49 -40.13 -13.78
CA ARG C 183 -8.57 -40.95 -13.25
C ARG C 183 -8.16 -42.44 -13.40
N ARG C 184 -8.61 -43.26 -12.46
CA ARG C 184 -8.23 -44.66 -12.42
C ARG C 184 -8.55 -45.38 -13.73
N ASP C 185 -9.74 -45.15 -14.24
CA ASP C 185 -10.11 -45.71 -15.58
C ASP C 185 -10.13 -44.63 -16.69
N HIS C 186 -8.96 -44.21 -17.16
CA HIS C 186 -8.88 -43.15 -18.15
C HIS C 186 -9.12 -43.83 -19.51
N PRO C 187 -9.93 -43.22 -20.42
CA PRO C 187 -10.25 -43.98 -21.66
C PRO C 187 -9.05 -44.36 -22.52
N ARG C 188 -7.89 -43.71 -22.33
CA ARG C 188 -6.80 -43.88 -23.26
C ARG C 188 -5.51 -44.32 -22.60
N LEU C 189 -5.53 -44.65 -21.31
CA LEU C 189 -4.34 -45.12 -20.69
C LEU C 189 -4.49 -46.57 -20.42
N ALA C 190 -3.74 -47.38 -21.14
CA ALA C 190 -3.79 -48.83 -20.94
C ALA C 190 -2.69 -49.20 -19.93
N GLY C 191 -1.67 -48.36 -19.89
CA GLY C 191 -0.84 -48.21 -18.71
C GLY C 191 -0.23 -46.82 -18.61
N ALA C 192 0.99 -46.80 -18.06
CA ALA C 192 1.71 -45.55 -17.86
C ALA C 192 1.72 -44.76 -19.19
N PRO C 193 1.52 -43.44 -19.16
CA PRO C 193 1.52 -42.77 -20.44
C PRO C 193 2.98 -42.67 -21.00
N THR C 194 3.12 -42.73 -22.32
CA THR C 194 4.37 -42.38 -23.01
C THR C 194 4.46 -40.87 -23.08
N LEU C 195 5.58 -40.31 -23.53
CA LEU C 195 5.61 -38.86 -23.81
C LEU C 195 4.49 -38.30 -24.70
N GLU C 196 4.18 -38.96 -25.85
CA GLU C 196 3.18 -38.42 -26.77
C GLU C 196 1.81 -38.66 -26.21
N GLY C 197 1.65 -39.76 -25.50
CA GLY C 197 0.37 -40.14 -24.88
C GLY C 197 0.00 -39.04 -23.87
N TYR C 198 1.00 -38.67 -23.06
CA TYR C 198 0.90 -37.56 -22.15
C TYR C 198 0.61 -36.27 -22.88
N LEU C 199 1.28 -36.01 -24.01
CA LEU C 199 1.06 -34.72 -24.68
C LEU C 199 -0.21 -34.66 -25.50
N ALA C 200 -0.84 -35.82 -25.70
CA ALA C 200 -2.14 -35.90 -26.37
C ALA C 200 -3.36 -35.67 -25.46
N GLU C 201 -3.12 -35.48 -24.15
CA GLU C 201 -4.23 -35.13 -23.25
C GLU C 201 -4.30 -33.64 -22.94
N ARG C 202 -5.41 -33.18 -22.38
CA ARG C 202 -5.45 -31.88 -21.72
C ARG C 202 -5.02 -32.06 -20.25
N HIS C 203 -4.59 -30.95 -19.66
CA HIS C 203 -3.85 -31.00 -18.43
C HIS C 203 -4.41 -30.03 -17.39
N ALA C 204 -4.38 -30.47 -16.11
CA ALA C 204 -4.73 -29.58 -15.01
C ALA C 204 -3.40 -29.10 -14.47
N VAL C 205 -3.28 -27.83 -14.10
CA VAL C 205 -1.97 -27.31 -13.71
C VAL C 205 -2.10 -26.48 -12.45
N VAL C 206 -1.21 -26.71 -11.51
CA VAL C 206 -1.26 -26.06 -10.22
C VAL C 206 -0.33 -24.83 -10.21
N THR C 207 -0.89 -23.65 -9.98
CA THR C 207 -0.17 -22.38 -10.01
C THR C 207 -0.47 -21.67 -8.68
N PRO C 208 0.28 -21.99 -7.63
CA PRO C 208 -0.06 -21.60 -6.26
C PRO C 208 0.06 -20.10 -6.04
N TRP C 209 0.81 -19.41 -6.88
CA TRP C 209 0.90 -17.95 -6.73
C TRP C 209 0.33 -17.30 -7.96
N ASN C 210 -0.66 -17.97 -8.54
CA ASN C 210 -1.31 -17.43 -9.72
C ASN C 210 -0.43 -17.13 -10.95
N GLU C 211 0.74 -17.76 -11.04
CA GLU C 211 1.63 -17.61 -12.17
C GLU C 211 1.01 -18.07 -13.49
N ASP C 212 1.58 -17.60 -14.62
CA ASP C 212 1.00 -17.91 -15.94
C ASP C 212 1.44 -19.27 -16.51
N SER C 213 2.25 -20.02 -15.76
CA SER C 213 2.66 -21.33 -16.21
C SER C 213 2.85 -22.22 -14.99
N GLY C 214 2.87 -23.55 -15.16
CA GLY C 214 3.19 -24.52 -14.07
C GLY C 214 4.70 -24.78 -14.00
N VAL C 215 5.21 -25.34 -12.90
CA VAL C 215 6.68 -25.61 -12.79
C VAL C 215 7.05 -26.67 -13.84
N ILE C 216 6.12 -27.56 -14.13
CA ILE C 216 6.33 -28.53 -15.21
C ILE C 216 6.40 -27.90 -16.61
N ASP C 217 5.66 -26.80 -16.81
CA ASP C 217 5.63 -26.14 -18.12
C ASP C 217 6.98 -25.53 -18.41
N ARG C 218 7.50 -24.80 -17.42
CA ARG C 218 8.88 -24.31 -17.39
C ARG C 218 9.82 -25.46 -17.76
N LEU C 219 9.84 -26.53 -16.96
CA LEU C 219 10.62 -27.75 -17.25
C LEU C 219 10.45 -28.33 -18.67
N LEU C 220 9.21 -28.43 -19.18
CA LEU C 220 8.94 -29.13 -20.45
C LEU C 220 9.42 -28.28 -21.61
N ALA C 221 9.27 -26.95 -21.47
CA ALA C 221 9.64 -26.01 -22.54
C ALA C 221 11.15 -26.11 -22.83
N ARG C 222 11.93 -26.40 -21.79
CA ARG C 222 13.38 -26.64 -21.90
C ARG C 222 13.78 -27.88 -22.67
N SER C 223 12.82 -28.56 -23.27
CA SER C 223 13.09 -29.69 -24.14
C SER C 223 12.25 -29.48 -25.35
N GLY C 224 11.73 -28.27 -25.51
CA GLY C 224 10.90 -27.93 -26.68
C GLY C 224 9.44 -28.42 -26.64
N LEU C 225 8.98 -28.85 -25.44
CA LEU C 225 7.68 -29.53 -25.31
C LEU C 225 6.65 -28.62 -24.66
N ARG C 226 5.41 -28.72 -25.10
CA ARG C 226 4.33 -27.92 -24.54
C ARG C 226 3.11 -28.80 -24.35
N ARG C 227 2.39 -28.60 -23.24
CA ARG C 227 1.17 -29.36 -23.01
C ARG C 227 -0.05 -28.44 -23.20
N GLU C 228 -1.20 -29.01 -23.56
CA GLU C 228 -2.47 -28.27 -23.69
C GLU C 228 -3.12 -28.17 -22.34
N VAL C 229 -3.38 -26.97 -21.86
CA VAL C 229 -3.86 -26.77 -20.50
C VAL C 229 -5.33 -26.49 -20.51
N ALA C 230 -6.12 -27.26 -19.76
CA ALA C 230 -7.54 -26.98 -19.60
C ALA C 230 -7.87 -26.11 -18.37
N VAL C 231 -7.18 -26.34 -17.24
CA VAL C 231 -7.47 -25.63 -15.99
C VAL C 231 -6.16 -25.30 -15.27
N GLN C 232 -6.03 -24.08 -14.74
CA GLN C 232 -5.00 -23.73 -13.78
C GLN C 232 -5.71 -23.44 -12.48
N LEU C 233 -5.13 -23.85 -11.36
CA LEU C 233 -5.74 -23.55 -10.02
C LEU C 233 -4.61 -23.62 -9.04
N PRO C 234 -4.76 -22.94 -7.91
CA PRO C 234 -3.67 -22.81 -6.97
C PRO C 234 -3.58 -23.99 -5.99
N THR C 235 -4.58 -24.87 -5.97
CA THR C 235 -4.73 -25.96 -4.99
C THR C 235 -4.41 -27.33 -5.65
N VAL C 236 -3.39 -28.04 -5.16
CA VAL C 236 -3.09 -29.44 -5.51
C VAL C 236 -4.22 -30.39 -5.08
N LEU C 237 -4.79 -30.17 -3.89
CA LEU C 237 -5.70 -31.15 -3.38
C LEU C 237 -7.03 -31.08 -4.13
N ALA C 238 -7.54 -29.90 -4.42
CA ALA C 238 -8.70 -29.83 -5.29
C ALA C 238 -8.36 -30.37 -6.69
N ALA C 239 -7.13 -30.14 -7.14
CA ALA C 239 -6.72 -30.54 -8.50
C ALA C 239 -6.76 -32.06 -8.67
N LEU C 240 -6.39 -32.76 -7.61
CA LEU C 240 -6.38 -34.23 -7.57
C LEU C 240 -7.82 -34.71 -7.73
N PHE C 241 -8.79 -34.06 -7.10
CA PHE C 241 -10.19 -34.45 -7.38
C PHE C 241 -10.66 -34.10 -8.79
N LEU C 242 -10.16 -32.98 -9.31
CA LEU C 242 -10.47 -32.64 -10.70
C LEU C 242 -10.00 -33.76 -11.68
N ALA C 243 -8.77 -34.19 -11.52
CA ALA C 243 -8.19 -35.31 -12.29
C ALA C 243 -8.95 -36.65 -12.23
N GLY C 244 -9.55 -36.95 -11.06
CA GLY C 244 -10.39 -38.13 -10.86
C GLY C 244 -11.78 -38.05 -11.50
N SER C 245 -12.24 -36.86 -11.87
CA SER C 245 -13.51 -36.69 -12.57
C SER C 245 -13.39 -36.29 -14.04
N THR C 246 -12.20 -36.33 -14.63
CA THR C 246 -12.04 -35.99 -16.03
C THR C 246 -10.97 -36.79 -16.69
N ASP C 247 -10.77 -36.50 -17.98
CA ASP C 247 -9.69 -37.16 -18.68
C ASP C 247 -8.41 -36.37 -18.54
N PHE C 248 -8.46 -35.32 -17.73
CA PHE C 248 -7.26 -34.48 -17.61
C PHE C 248 -6.16 -35.14 -16.85
N LEU C 249 -4.93 -34.86 -17.25
CA LEU C 249 -3.79 -35.33 -16.52
C LEU C 249 -3.25 -34.23 -15.58
N LEU C 250 -2.64 -34.63 -14.46
CA LEU C 250 -2.12 -33.69 -13.50
C LEU C 250 -0.76 -34.20 -13.11
N THR C 251 0.24 -33.33 -13.08
CA THR C 251 1.61 -33.77 -12.69
C THR C 251 1.89 -33.12 -11.31
N ALA C 252 1.92 -33.95 -10.26
CA ALA C 252 1.68 -33.50 -8.88
C ALA C 252 2.68 -34.17 -7.97
N PRO C 253 2.95 -33.56 -6.80
CA PRO C 253 3.66 -34.24 -5.78
C PRO C 253 3.06 -35.58 -5.42
N ARG C 254 3.93 -36.58 -5.38
CA ARG C 254 3.58 -37.96 -5.02
C ARG C 254 2.97 -38.11 -3.60
N HIS C 255 3.53 -37.39 -2.63
CA HIS C 255 3.02 -37.47 -1.28
C HIS C 255 1.54 -37.10 -1.29
N ALA C 256 1.14 -36.06 -2.04
CA ALA C 256 -0.29 -35.67 -2.08
C ALA C 256 -1.19 -36.63 -2.91
N ALA C 257 -0.69 -37.03 -4.08
CA ALA C 257 -1.45 -37.89 -4.95
C ALA C 257 -1.69 -39.23 -4.24
N ARG C 258 -0.66 -39.78 -3.59
CA ARG C 258 -0.88 -41.01 -2.77
C ARG C 258 -1.93 -40.87 -1.70
N ALA C 259 -1.97 -39.75 -0.98
CA ALA C 259 -3.01 -39.50 0.04
C ALA C 259 -4.44 -39.42 -0.52
N LEU C 260 -4.57 -39.01 -1.77
CA LEU C 260 -5.90 -38.89 -2.32
C LEU C 260 -6.26 -39.97 -3.35
N ALA C 261 -5.36 -40.93 -3.62
CA ALA C 261 -5.54 -41.88 -4.74
C ALA C 261 -6.91 -42.57 -4.64
N GLU C 262 -7.24 -43.00 -3.43
CA GLU C 262 -8.57 -43.66 -3.25
C GLU C 262 -9.73 -42.73 -3.20
N ALA C 263 -9.62 -41.71 -2.37
CA ALA C 263 -10.68 -40.69 -2.26
C ALA C 263 -11.10 -40.11 -3.61
N ALA C 264 -10.14 -39.82 -4.51
CA ALA C 264 -10.51 -39.16 -5.79
C ALA C 264 -10.59 -40.17 -6.95
N GLY C 265 -10.29 -41.45 -6.70
CA GLY C 265 -10.31 -42.49 -7.78
C GLY C 265 -9.15 -42.29 -8.77
N LEU C 266 -7.89 -42.41 -8.32
CA LEU C 266 -6.75 -42.10 -9.23
C LEU C 266 -5.86 -43.24 -9.48
N ALA C 267 -5.17 -43.21 -10.64
CA ALA C 267 -3.95 -43.94 -10.92
C ALA C 267 -2.70 -43.01 -10.91
N LEU C 268 -1.60 -43.50 -10.40
CA LEU C 268 -0.38 -42.73 -10.31
C LEU C 268 0.62 -43.45 -11.18
N TYR C 269 1.34 -42.69 -12.01
CA TYR C 269 2.31 -43.22 -12.98
C TYR C 269 3.59 -42.42 -12.93
N PRO C 270 4.70 -43.07 -13.26
CA PRO C 270 5.94 -42.29 -13.45
C PRO C 270 5.78 -41.32 -14.60
N ALA C 271 6.40 -40.16 -14.52
CA ALA C 271 6.38 -39.24 -15.62
C ALA C 271 7.18 -39.83 -16.79
N PRO C 272 6.70 -39.66 -18.03
CA PRO C 272 7.46 -40.04 -19.19
C PRO C 272 8.58 -39.04 -19.63
N PHE C 273 9.09 -38.23 -18.70
CA PHE C 273 10.21 -37.33 -18.95
C PHE C 273 10.89 -37.11 -17.59
N ASP C 274 12.05 -36.47 -17.60
CA ASP C 274 12.85 -36.33 -16.39
C ASP C 274 12.34 -35.15 -15.61
N ILE C 275 12.04 -35.35 -14.32
CA ILE C 275 11.75 -34.22 -13.41
C ILE C 275 12.62 -34.37 -12.20
N PRO C 276 13.44 -33.34 -11.87
CA PRO C 276 14.13 -33.39 -10.56
C PRO C 276 13.19 -33.62 -9.35
N PRO C 277 13.67 -34.38 -8.34
CA PRO C 277 13.03 -34.53 -7.07
C PRO C 277 12.91 -33.12 -6.57
N TYR C 278 11.90 -32.86 -5.76
CA TYR C 278 11.82 -31.57 -5.10
C TYR C 278 12.17 -31.75 -3.63
N VAL C 279 12.61 -30.66 -3.04
CA VAL C 279 12.91 -30.67 -1.63
C VAL C 279 12.16 -29.49 -1.07
N LEU C 280 11.23 -29.76 -0.13
CA LEU C 280 10.42 -28.68 0.48
C LEU C 280 11.26 -28.03 1.56
N ARG C 281 11.14 -26.74 1.73
CA ARG C 281 11.99 -26.07 2.69
C ARG C 281 11.31 -25.02 3.50
N LEU C 282 12.01 -24.69 4.57
CA LEU C 282 11.50 -23.74 5.53
C LEU C 282 12.41 -22.55 5.35
N TYR C 283 11.85 -21.42 4.93
CA TYR C 283 12.60 -20.20 4.78
C TYR C 283 12.36 -19.20 5.92
N SER C 284 13.45 -18.55 6.32
CA SER C 284 13.41 -17.44 7.26
C SER C 284 14.50 -16.41 6.95
N HIS C 285 14.24 -15.21 7.47
CA HIS C 285 15.17 -14.10 7.54
C HIS C 285 16.22 -14.28 8.67
N VAL C 286 17.50 -14.08 8.32
CA VAL C 286 18.63 -14.05 9.27
C VAL C 286 18.38 -13.21 10.55
N GLN C 287 17.68 -12.07 10.43
CA GLN C 287 16.81 -11.58 11.54
C GLN C 287 15.40 -11.08 11.16
N ASP C 292 15.23 -17.44 19.20
CA ASP C 292 14.87 -18.32 20.33
C ASP C 292 13.61 -19.19 20.00
N ALA C 293 12.45 -18.55 19.84
CA ALA C 293 11.28 -19.19 19.27
C ALA C 293 11.55 -19.75 17.85
N HIS C 294 12.16 -18.92 16.99
CA HIS C 294 12.51 -19.31 15.66
C HIS C 294 13.51 -20.45 15.64
N ALA C 295 14.52 -20.39 16.51
CA ALA C 295 15.50 -21.48 16.61
C ALA C 295 14.81 -22.80 17.01
N TRP C 296 13.86 -22.76 17.95
CA TRP C 296 13.15 -23.99 18.34
C TRP C 296 12.36 -24.59 17.13
N MET C 297 11.59 -23.72 16.46
CA MET C 297 10.74 -24.17 15.37
C MET C 297 11.60 -24.72 14.27
N ILE C 298 12.74 -24.06 14.01
CA ILE C 298 13.68 -24.61 13.04
C ILE C 298 14.12 -26.03 13.44
N GLY C 299 14.51 -26.23 14.70
CA GLY C 299 14.87 -27.58 15.16
C GLY C 299 13.71 -28.59 15.16
N GLN C 300 12.47 -28.10 15.37
CA GLN C 300 11.31 -28.97 15.34
C GLN C 300 11.19 -29.71 14.01
N LEU C 301 11.27 -28.98 12.89
CA LEU C 301 11.16 -29.62 11.55
C LEU C 301 12.34 -30.55 11.22
N LYS C 302 13.42 -30.43 11.98
CA LYS C 302 14.67 -31.08 11.63
C LYS C 302 14.48 -32.56 11.58
N GLY C 303 14.11 -33.19 12.70
CA GLY C 303 13.89 -34.63 12.63
C GLY C 303 12.47 -35.05 12.25
N LEU C 304 11.57 -34.08 12.05
CA LEU C 304 10.14 -34.37 11.76
C LEU C 304 9.84 -35.47 10.68
N ASP C 305 9.06 -36.51 11.04
CA ASP C 305 8.64 -37.57 10.06
C ASP C 305 7.37 -37.15 9.30
N ILE C 306 7.55 -36.95 7.99
CA ILE C 306 6.52 -36.38 7.15
C ILE C 306 5.70 -37.52 6.57
N SER C 307 6.38 -38.62 6.29
CA SER C 307 5.84 -39.67 5.38
C SER C 307 4.61 -40.41 5.96
N PRO D 5 3.71 7.39 -33.69
CA PRO D 5 4.73 7.28 -34.74
C PRO D 5 6.01 6.42 -34.46
N LEU D 6 6.37 6.12 -33.19
CA LEU D 6 5.49 5.56 -32.11
C LEU D 6 4.83 4.32 -32.76
N LEU D 7 3.51 4.24 -32.73
CA LEU D 7 2.78 3.10 -33.28
C LEU D 7 3.07 2.80 -34.75
N ARG D 8 3.45 3.84 -35.48
CA ARG D 8 3.42 3.75 -36.91
C ARG D 8 4.64 3.02 -37.48
N ARG D 9 5.81 3.18 -36.85
CA ARG D 9 7.00 2.46 -37.33
C ARG D 9 7.12 1.05 -36.72
N LEU D 10 6.65 0.93 -35.48
CA LEU D 10 6.70 -0.35 -34.72
C LEU D 10 5.78 -1.51 -35.24
N ASP D 11 6.32 -2.72 -35.30
CA ASP D 11 5.49 -3.85 -35.61
C ASP D 11 4.75 -4.20 -34.33
N LEU D 12 3.50 -3.80 -34.28
CA LEU D 12 2.63 -3.96 -33.15
C LEU D 12 2.40 -5.41 -32.73
N ASN D 13 2.52 -6.34 -33.65
CA ASN D 13 2.50 -7.73 -33.27
C ASN D 13 3.58 -8.06 -32.26
N LEU D 14 4.64 -7.24 -32.19
CA LEU D 14 5.80 -7.52 -31.32
C LEU D 14 5.48 -7.26 -29.85
N LEU D 15 4.39 -6.50 -29.66
CA LEU D 15 3.86 -6.19 -28.33
C LEU D 15 3.20 -7.38 -27.61
N LEU D 16 2.65 -8.32 -28.34
CA LEU D 16 2.24 -9.62 -27.79
C LEU D 16 3.37 -10.50 -27.24
N VAL D 17 4.49 -10.46 -27.94
CA VAL D 17 5.72 -11.09 -27.51
C VAL D 17 6.19 -10.42 -26.22
N PHE D 18 6.37 -9.09 -26.23
CA PHE D 18 6.58 -8.31 -25.02
C PHE D 18 5.64 -8.67 -23.85
N ASP D 19 4.32 -8.60 -24.09
CA ASP D 19 3.34 -8.91 -23.06
C ASP D 19 3.54 -10.36 -22.49
N ALA D 20 3.67 -11.36 -23.36
CA ALA D 20 3.87 -12.73 -22.90
C ALA D 20 5.15 -12.90 -22.16
N LEU D 21 6.27 -12.36 -22.65
CA LEU D 21 7.47 -12.44 -21.84
C LEU D 21 7.33 -11.72 -20.45
N TYR D 22 6.70 -10.56 -20.42
CA TYR D 22 6.55 -9.88 -19.17
C TYR D 22 5.75 -10.74 -18.17
N ARG D 23 4.71 -11.44 -18.62
CA ARG D 23 3.95 -12.30 -17.71
C ARG D 23 4.66 -13.63 -17.37
N HIS D 24 5.32 -14.26 -18.36
CA HIS D 24 5.89 -15.61 -18.18
C HIS D 24 7.29 -15.57 -17.62
N ARG D 25 8.02 -14.48 -17.90
CA ARG D 25 9.42 -14.31 -17.54
C ARG D 25 10.21 -15.55 -17.95
N ASN D 26 9.83 -16.11 -19.08
CA ASN D 26 10.39 -17.35 -19.54
C ASN D 26 10.05 -17.40 -20.99
N VAL D 27 11.08 -17.47 -21.81
CA VAL D 27 10.91 -17.58 -23.23
C VAL D 27 10.07 -18.81 -23.72
N GLY D 28 10.35 -20.00 -23.22
CA GLY D 28 9.65 -21.20 -23.67
C GLY D 28 8.16 -21.16 -23.44
N THR D 29 7.74 -20.78 -22.22
CA THR D 29 6.33 -20.83 -21.92
C THR D 29 5.61 -19.64 -22.49
N ALA D 30 6.34 -18.54 -22.68
CA ALA D 30 5.76 -17.35 -23.34
C ALA D 30 5.49 -17.71 -24.81
N ALA D 31 6.50 -18.32 -25.47
CA ALA D 31 6.36 -18.84 -26.87
C ALA D 31 5.16 -19.77 -27.04
N SER D 32 5.07 -20.76 -26.15
CA SER D 32 3.94 -21.70 -26.12
C SER D 32 2.59 -21.00 -26.05
N GLU D 33 2.45 -20.00 -25.19
CA GLU D 33 1.16 -19.35 -25.04
C GLU D 33 0.77 -18.69 -26.36
N LEU D 34 1.79 -18.24 -27.07
CA LEU D 34 1.64 -17.58 -28.36
C LEU D 34 1.60 -18.53 -29.56
N ALA D 35 1.77 -19.83 -29.32
CA ALA D 35 1.72 -20.86 -30.36
C ALA D 35 2.71 -20.59 -31.46
N ILE D 36 3.91 -20.15 -31.10
CA ILE D 36 4.98 -19.97 -32.06
C ILE D 36 6.19 -20.69 -31.51
N SER D 37 7.16 -20.93 -32.38
CA SER D 37 8.36 -21.69 -32.00
C SER D 37 9.20 -20.78 -31.13
N ALA D 38 10.21 -21.37 -30.49
CA ALA D 38 11.17 -20.64 -29.64
C ALA D 38 11.98 -19.66 -30.46
N SER D 39 12.42 -20.12 -31.63
CA SER D 39 13.24 -19.31 -32.52
C SER D 39 12.50 -18.09 -33.08
N ALA D 40 11.26 -18.30 -33.53
CA ALA D 40 10.39 -17.19 -33.93
C ALA D 40 10.30 -16.15 -32.78
N PHE D 41 10.02 -16.64 -31.57
CA PHE D 41 9.91 -15.82 -30.38
C PHE D 41 11.18 -15.03 -30.14
N SER D 42 12.30 -15.73 -30.13
CA SER D 42 13.59 -15.09 -29.98
C SER D 42 13.95 -14.06 -31.08
N HIS D 43 13.68 -14.40 -32.33
N HIS D 43 13.67 -14.40 -32.33
CA HIS D 43 13.88 -13.45 -33.45
CA HIS D 43 13.86 -13.47 -33.43
C HIS D 43 12.93 -12.26 -33.26
C HIS D 43 12.94 -12.27 -33.24
N ALA D 44 11.70 -12.55 -32.83
CA ALA D 44 10.73 -11.49 -32.56
C ALA D 44 11.19 -10.57 -31.41
N LEU D 45 11.72 -11.17 -30.34
CA LEU D 45 12.29 -10.40 -29.21
C LEU D 45 13.49 -9.58 -29.67
N GLY D 46 14.34 -10.17 -30.50
CA GLY D 46 15.40 -9.42 -31.15
C GLY D 46 14.87 -8.22 -31.91
N ARG D 47 13.77 -8.41 -32.65
CA ARG D 47 13.16 -7.27 -33.36
C ARG D 47 12.60 -6.19 -32.41
N LEU D 48 11.99 -6.61 -31.32
CA LEU D 48 11.54 -5.65 -30.31
C LEU D 48 12.73 -4.90 -29.72
N ARG D 49 13.78 -5.63 -29.33
CA ARG D 49 14.96 -4.99 -28.72
C ARG D 49 15.48 -3.88 -29.64
N GLN D 50 15.57 -4.18 -30.92
CA GLN D 50 15.92 -3.21 -31.95
C GLN D 50 14.87 -2.10 -31.97
N GLY D 51 13.65 -2.39 -32.36
CA GLY D 51 12.58 -1.39 -32.39
C GLY D 51 12.55 -0.45 -31.20
N LEU D 52 12.79 -0.96 -30.00
CA LEU D 52 12.69 -0.15 -28.80
C LEU D 52 14.06 0.27 -28.24
N ASP D 53 15.11 -0.22 -28.88
CA ASP D 53 16.49 0.12 -28.52
C ASP D 53 16.69 -0.01 -27.01
N ASP D 54 16.12 -1.07 -26.47
CA ASP D 54 16.40 -1.47 -25.12
C ASP D 54 16.85 -2.93 -25.19
N GLU D 55 16.84 -3.59 -24.05
CA GLU D 55 17.29 -4.94 -23.92
C GLU D 55 16.06 -5.64 -23.39
N LEU D 56 15.22 -4.82 -22.76
CA LEU D 56 13.88 -5.13 -22.25
C LEU D 56 13.82 -6.14 -21.11
N PHE D 57 14.47 -7.29 -21.30
CA PHE D 57 14.56 -8.31 -20.28
C PHE D 57 15.96 -8.84 -20.13
N LEU D 58 16.35 -8.97 -18.85
CA LEU D 58 17.69 -9.35 -18.45
C LEU D 58 17.67 -10.80 -18.02
N ARG D 59 18.44 -11.64 -18.72
CA ARG D 59 18.61 -13.01 -18.32
C ARG D 59 19.51 -13.01 -17.07
N GLN D 60 18.86 -13.11 -15.91
CA GLN D 60 19.51 -13.21 -14.60
C GLN D 60 19.09 -14.55 -14.02
N GLY D 61 18.34 -15.33 -14.79
CA GLY D 61 17.83 -16.57 -14.24
C GLY D 61 18.11 -17.86 -14.97
N ASN D 62 17.73 -17.90 -16.27
CA ASN D 62 16.87 -18.98 -16.83
C ASN D 62 15.37 -18.52 -16.59
N ARG D 63 15.23 -17.47 -15.74
CA ARG D 63 14.11 -16.51 -15.74
C ARG D 63 14.50 -15.13 -16.39
N MET D 64 13.55 -14.45 -17.04
CA MET D 64 13.82 -13.17 -17.74
C MET D 64 13.30 -11.97 -16.96
N GLN D 65 14.22 -11.17 -16.41
CA GLN D 65 13.84 -10.01 -15.60
C GLN D 65 13.78 -8.70 -16.40
N PRO D 66 12.63 -7.99 -16.31
CA PRO D 66 12.41 -6.75 -17.03
C PRO D 66 13.42 -5.68 -16.69
N THR D 67 13.81 -4.92 -17.71
CA THR D 67 14.49 -3.67 -17.47
C THR D 67 13.48 -2.67 -16.95
N GLN D 68 13.94 -1.45 -16.81
CA GLN D 68 13.20 -0.38 -16.22
C GLN D 68 12.21 0.22 -17.26
N ARG D 69 12.65 0.23 -18.51
CA ARG D 69 11.86 0.73 -19.62
C ARG D 69 10.72 -0.22 -20.04
N ALA D 70 11.03 -1.52 -20.14
CA ALA D 70 10.05 -2.60 -20.23
C ALA D 70 9.03 -2.49 -19.09
N GLU D 71 9.53 -2.31 -17.89
CA GLU D 71 8.72 -2.14 -16.71
C GLU D 71 7.52 -1.14 -16.90
N HIS D 72 7.82 0.04 -17.44
CA HIS D 72 6.78 1.05 -17.75
C HIS D 72 5.81 0.69 -18.92
N LEU D 73 6.38 0.15 -19.99
CA LEU D 73 5.59 -0.22 -21.16
C LEU D 73 4.56 -1.28 -20.82
N ALA D 74 4.89 -2.06 -19.80
CA ALA D 74 4.19 -3.27 -19.52
C ALA D 74 2.75 -3.06 -19.24
N ALA D 75 2.44 -2.05 -18.42
CA ALA D 75 1.03 -1.79 -18.00
C ALA D 75 0.24 -1.16 -19.12
N ALA D 76 0.93 -0.39 -19.95
CA ALA D 76 0.30 0.17 -21.12
C ALA D 76 -0.13 -0.93 -22.11
N VAL D 77 0.82 -1.76 -22.49
CA VAL D 77 0.51 -2.94 -23.34
C VAL D 77 -0.60 -3.84 -22.74
N ALA D 78 -0.49 -4.09 -21.44
CA ALA D 78 -1.53 -4.91 -20.78
C ALA D 78 -2.90 -4.31 -21.01
N ALA D 79 -3.04 -3.03 -20.69
CA ALA D 79 -4.27 -2.23 -20.89
C ALA D 79 -4.76 -2.21 -22.33
N ALA D 80 -3.83 -2.00 -23.29
CA ALA D 80 -4.21 -2.07 -24.71
C ALA D 80 -4.89 -3.44 -25.07
N LEU D 81 -4.17 -4.53 -24.82
CA LEU D 81 -4.64 -5.91 -25.06
C LEU D 81 -5.94 -6.23 -24.37
N ARG D 82 -6.14 -5.69 -23.17
CA ARG D 82 -7.42 -5.89 -22.44
C ARG D 82 -8.55 -5.23 -23.21
N ALA D 83 -8.38 -3.94 -23.54
CA ALA D 83 -9.35 -3.20 -24.35
C ALA D 83 -9.67 -3.95 -25.66
N LEU D 84 -8.64 -4.32 -26.42
CA LEU D 84 -8.89 -5.03 -27.69
C LEU D 84 -9.62 -6.32 -27.43
N GLY D 85 -9.14 -7.05 -26.42
CA GLY D 85 -9.68 -8.34 -26.01
C GLY D 85 -11.15 -8.30 -25.80
N GLU D 86 -11.63 -7.29 -25.08
CA GLU D 86 -13.05 -7.14 -24.78
C GLU D 86 -13.91 -6.84 -26.02
N GLY D 87 -13.42 -5.93 -26.86
CA GLY D 87 -14.12 -5.54 -28.08
C GLY D 87 -14.26 -6.72 -29.01
N LEU D 88 -13.20 -7.51 -29.10
CA LEU D 88 -13.14 -8.66 -29.98
C LEU D 88 -14.00 -9.83 -29.51
N GLU D 89 -14.29 -9.83 -28.20
CA GLU D 89 -15.05 -10.90 -27.55
C GLU D 89 -16.52 -10.62 -27.80
N GLU D 90 -16.89 -9.35 -27.76
CA GLU D 90 -18.21 -8.91 -28.25
C GLU D 90 -18.44 -9.33 -29.74
N TRP D 91 -17.36 -9.38 -30.54
CA TRP D 91 -17.38 -9.60 -32.01
C TRP D 91 -18.39 -10.61 -32.60
N ARG D 92 -18.25 -11.88 -32.25
CA ARG D 92 -19.10 -12.94 -32.81
C ARG D 92 -19.90 -13.60 -31.66
N PRO D 93 -21.05 -14.27 -31.96
CA PRO D 93 -21.84 -14.84 -30.84
C PRO D 93 -21.01 -15.94 -30.19
N PHE D 94 -21.16 -16.12 -28.87
CA PHE D 94 -20.49 -17.22 -28.14
C PHE D 94 -20.98 -18.60 -28.63
N VAL D 95 -20.05 -19.44 -29.07
CA VAL D 95 -20.43 -20.79 -29.50
C VAL D 95 -19.63 -21.83 -28.67
N PRO D 96 -20.30 -22.48 -27.71
CA PRO D 96 -19.53 -23.27 -26.73
C PRO D 96 -18.70 -24.38 -27.37
N GLY D 97 -19.24 -24.98 -28.43
CA GLY D 97 -18.52 -26.02 -29.20
C GLY D 97 -17.32 -25.49 -30.00
N GLN D 98 -17.18 -24.17 -30.10
CA GLN D 98 -16.09 -23.58 -30.88
C GLN D 98 -15.14 -22.74 -30.03
N SER D 99 -15.69 -22.19 -28.94
CA SER D 99 -14.91 -21.33 -28.04
C SER D 99 -13.56 -21.89 -27.60
N GLN D 100 -12.58 -20.98 -27.53
CA GLN D 100 -11.28 -21.23 -26.91
C GLN D 100 -10.98 -20.28 -25.74
N ARG D 101 -12.05 -19.76 -25.16
CA ARG D 101 -12.05 -18.81 -24.08
C ARG D 101 -11.59 -19.43 -22.76
N THR D 102 -10.89 -18.61 -21.97
CA THR D 102 -10.53 -18.87 -20.59
C THR D 102 -11.48 -18.10 -19.74
N PHE D 103 -12.18 -18.81 -18.86
CA PHE D 103 -12.99 -18.19 -17.85
C PHE D 103 -12.17 -18.10 -16.55
N VAL D 104 -12.11 -16.92 -15.95
CA VAL D 104 -11.28 -16.67 -14.80
C VAL D 104 -12.22 -16.58 -13.57
N PHE D 105 -11.99 -17.47 -12.59
CA PHE D 105 -12.79 -17.50 -11.38
C PHE D 105 -11.94 -17.12 -10.20
N ALA D 106 -12.47 -16.22 -9.33
CA ALA D 106 -11.97 -16.14 -7.94
C ALA D 106 -12.62 -17.22 -7.09
N ALA D 107 -11.76 -17.91 -6.33
CA ALA D 107 -12.11 -19.12 -5.66
C ALA D 107 -11.23 -19.37 -4.40
N THR D 108 -11.59 -20.42 -3.67
CA THR D 108 -10.86 -20.89 -2.52
C THR D 108 -10.64 -22.37 -2.82
N ASP D 109 -9.86 -23.08 -2.02
CA ASP D 109 -9.71 -24.50 -2.29
C ASP D 109 -11.04 -25.23 -2.22
N TYR D 110 -11.94 -24.79 -1.34
CA TYR D 110 -13.18 -25.51 -1.18
C TYR D 110 -14.07 -25.34 -2.43
N THR D 111 -14.21 -24.10 -2.93
CA THR D 111 -15.15 -23.83 -4.05
C THR D 111 -14.59 -24.46 -5.36
N ALA D 112 -13.28 -24.43 -5.52
CA ALA D 112 -12.61 -25.18 -6.58
C ALA D 112 -12.95 -26.67 -6.46
N PHE D 113 -12.93 -27.21 -5.22
CA PHE D 113 -13.15 -28.62 -5.02
C PHE D 113 -14.57 -29.01 -5.39
N ALA D 114 -15.51 -28.14 -4.97
CA ALA D 114 -16.91 -28.37 -5.15
C ALA D 114 -17.36 -28.24 -6.62
N LEU D 115 -16.85 -27.22 -7.30
CA LEU D 115 -17.28 -26.87 -8.65
C LEU D 115 -16.59 -27.65 -9.75
N LEU D 116 -15.26 -27.74 -9.70
CA LEU D 116 -14.53 -28.16 -10.86
C LEU D 116 -14.68 -29.59 -11.28
N PRO D 117 -14.64 -30.55 -10.31
CA PRO D 117 -14.87 -31.91 -10.76
C PRO D 117 -16.18 -32.14 -11.57
N PRO D 118 -17.38 -31.82 -11.04
CA PRO D 118 -18.58 -32.00 -11.88
C PRO D 118 -18.68 -31.02 -13.09
N LEU D 119 -18.26 -29.78 -12.97
CA LEU D 119 -18.28 -28.93 -14.12
C LEU D 119 -17.41 -29.44 -15.31
N MET D 120 -16.18 -29.84 -15.02
CA MET D 120 -15.25 -30.15 -16.04
C MET D 120 -15.51 -31.51 -16.62
N ASN D 121 -16.13 -32.40 -15.82
CA ASN D 121 -16.55 -33.68 -16.30
C ASN D 121 -17.48 -33.53 -17.53
N ARG D 122 -18.29 -32.47 -17.49
CA ARG D 122 -19.21 -32.13 -18.55
C ARG D 122 -18.51 -31.31 -19.64
N LEU D 123 -17.82 -30.21 -19.26
CA LEU D 123 -17.21 -29.29 -20.23
C LEU D 123 -16.15 -29.96 -21.10
N GLN D 124 -15.39 -30.90 -20.52
CA GLN D 124 -14.39 -31.57 -21.28
C GLN D 124 -14.98 -32.19 -22.58
N HIS D 125 -16.30 -32.46 -22.57
CA HIS D 125 -17.07 -32.97 -23.72
C HIS D 125 -17.83 -31.91 -24.47
N SER D 126 -18.54 -31.04 -23.74
CA SER D 126 -19.48 -30.13 -24.35
C SER D 126 -18.81 -28.83 -24.80
N ALA D 127 -17.59 -28.58 -24.33
CA ALA D 127 -16.90 -27.35 -24.75
C ALA D 127 -15.39 -27.56 -24.66
N PRO D 128 -14.86 -28.42 -25.52
CA PRO D 128 -13.54 -28.97 -25.31
C PRO D 128 -12.48 -27.90 -25.42
N GLY D 129 -12.85 -26.74 -25.92
CA GLY D 129 -11.90 -25.67 -26.14
C GLY D 129 -11.84 -24.68 -24.99
N VAL D 130 -12.90 -24.70 -24.16
CA VAL D 130 -13.01 -23.75 -23.03
C VAL D 130 -12.07 -24.10 -21.87
N ARG D 131 -11.38 -23.10 -21.35
N ARG D 131 -11.41 -23.07 -21.34
CA ARG D 131 -10.39 -23.32 -20.28
CA ARG D 131 -10.45 -23.21 -20.24
C ARG D 131 -10.83 -22.53 -19.07
C ARG D 131 -10.98 -22.55 -19.02
N LEU D 132 -10.51 -23.04 -17.88
CA LEU D 132 -10.77 -22.35 -16.61
C LEU D 132 -9.46 -21.97 -15.92
N ARG D 133 -9.46 -20.81 -15.30
CA ARG D 133 -8.30 -20.36 -14.52
C ARG D 133 -8.83 -19.88 -13.18
N LEU D 134 -8.42 -20.53 -12.08
CA LEU D 134 -8.90 -20.14 -10.75
C LEU D 134 -7.76 -19.46 -10.03
N VAL D 135 -8.12 -18.43 -9.28
CA VAL D 135 -7.09 -17.62 -8.69
C VAL D 135 -7.47 -17.37 -7.29
N ASN D 136 -6.46 -17.29 -6.42
CA ASN D 136 -6.70 -16.84 -5.06
C ASN D 136 -6.80 -15.34 -5.12
N ALA D 137 -7.90 -14.82 -4.61
CA ALA D 137 -8.13 -13.39 -4.54
C ALA D 137 -8.12 -12.89 -3.07
N GLU D 138 -7.78 -11.61 -2.93
CA GLU D 138 -7.66 -10.93 -1.65
C GLU D 138 -8.86 -10.98 -0.74
N ARG D 139 -10.06 -10.87 -1.29
CA ARG D 139 -11.26 -11.17 -0.53
C ARG D 139 -12.24 -11.82 -1.47
N LYS D 140 -13.34 -12.33 -0.96
CA LYS D 140 -14.28 -13.08 -1.78
C LYS D 140 -14.76 -12.25 -2.95
N LEU D 141 -15.06 -10.98 -2.68
CA LEU D 141 -15.78 -10.08 -3.59
C LEU D 141 -15.10 -8.69 -3.54
N SER D 142 -14.14 -8.50 -4.45
CA SER D 142 -13.54 -7.18 -4.64
C SER D 142 -14.04 -6.68 -6.01
N VAL D 143 -15.37 -6.62 -6.11
CA VAL D 143 -16.20 -6.08 -7.22
C VAL D 143 -15.52 -5.22 -8.32
N GLU D 144 -14.55 -4.40 -7.93
CA GLU D 144 -13.75 -3.72 -8.93
C GLU D 144 -13.26 -4.74 -9.97
N ALA D 145 -12.70 -5.85 -9.45
CA ALA D 145 -12.16 -6.99 -10.24
C ALA D 145 -13.16 -7.59 -11.24
N LEU D 146 -14.39 -7.76 -10.77
CA LEU D 146 -15.51 -8.23 -11.56
C LEU D 146 -15.95 -7.21 -12.63
N ALA D 147 -15.85 -5.91 -12.33
CA ALA D 147 -16.14 -4.82 -13.29
C ALA D 147 -15.02 -4.66 -14.32
N SER D 148 -13.78 -4.47 -13.83
CA SER D 148 -12.58 -4.48 -14.66
C SER D 148 -12.69 -5.60 -15.68
N GLY D 149 -13.26 -6.74 -15.25
CA GLY D 149 -13.36 -7.99 -16.07
C GLY D 149 -12.05 -8.77 -16.02
N ARG D 150 -11.22 -8.39 -15.03
CA ARG D 150 -9.98 -9.10 -14.69
C ARG D 150 -10.30 -10.54 -14.30
N ILE D 151 -11.51 -10.68 -13.76
CA ILE D 151 -12.13 -11.90 -13.31
C ILE D 151 -13.57 -11.94 -13.82
N ASP D 152 -13.91 -13.06 -14.41
CA ASP D 152 -15.23 -13.28 -14.92
C ASP D 152 -16.24 -13.53 -13.82
N PHE D 153 -15.84 -14.29 -12.79
CA PHE D 153 -16.75 -14.76 -11.73
C PHE D 153 -16.04 -14.92 -10.40
N ALA D 154 -16.82 -14.98 -9.33
CA ALA D 154 -16.28 -15.33 -8.01
C ALA D 154 -17.19 -16.34 -7.33
N LEU D 155 -16.57 -17.24 -6.58
CA LEU D 155 -17.37 -18.24 -5.90
C LEU D 155 -17.31 -17.98 -4.40
N GLY D 156 -18.26 -18.54 -3.66
CA GLY D 156 -18.33 -18.31 -2.22
C GLY D 156 -19.77 -18.37 -1.81
N TYR D 157 -20.04 -17.93 -0.58
CA TYR D 157 -21.42 -17.74 -0.13
C TYR D 157 -21.56 -16.44 0.66
N ASP D 158 -22.82 -16.08 0.96
CA ASP D 158 -23.13 -14.88 1.73
C ASP D 158 -23.42 -15.24 3.18
N GLU D 159 -22.55 -14.77 4.06
CA GLU D 159 -22.60 -15.05 5.49
C GLU D 159 -23.68 -14.19 6.18
N GLU D 160 -24.36 -14.76 7.19
CA GLU D 160 -25.36 -14.02 8.01
C GLU D 160 -26.39 -13.25 7.16
N HIS D 161 -27.14 -14.02 6.34
CA HIS D 161 -28.09 -13.54 5.32
C HIS D 161 -27.69 -12.23 4.57
N GLU D 162 -26.39 -11.88 4.57
CA GLU D 162 -25.91 -10.56 4.09
C GLU D 162 -26.41 -10.18 2.68
N ARG D 163 -26.63 -8.87 2.48
CA ARG D 163 -27.27 -8.30 1.28
C ARG D 163 -26.55 -8.46 -0.08
N LEU D 164 -25.21 -8.51 -0.07
CA LEU D 164 -24.32 -8.40 -1.29
C LEU D 164 -24.38 -7.03 -2.03
N PRO D 165 -23.21 -6.48 -2.45
CA PRO D 165 -23.14 -5.08 -2.88
C PRO D 165 -23.85 -4.79 -4.19
N GLU D 166 -23.95 -3.51 -4.51
CA GLU D 166 -24.70 -3.04 -5.67
C GLU D 166 -23.98 -3.36 -6.98
N GLY D 167 -24.77 -3.69 -8.01
CA GLY D 167 -24.26 -4.01 -9.36
C GLY D 167 -23.67 -5.41 -9.51
N ILE D 168 -23.86 -6.22 -8.46
CA ILE D 168 -23.34 -7.57 -8.40
C ILE D 168 -24.55 -8.44 -8.34
N GLN D 169 -24.61 -9.43 -9.20
CA GLN D 169 -25.63 -10.47 -9.02
C GLN D 169 -25.00 -11.81 -8.70
N ALA D 170 -25.83 -12.76 -8.32
CA ALA D 170 -25.35 -14.01 -7.84
C ALA D 170 -26.39 -15.08 -8.09
N HIS D 171 -25.91 -16.30 -8.28
CA HIS D 171 -26.73 -17.44 -8.64
C HIS D 171 -26.37 -18.64 -7.74
N ASP D 172 -27.36 -19.22 -7.06
CA ASP D 172 -27.09 -20.43 -6.28
C ASP D 172 -26.66 -21.61 -7.17
N TRP D 173 -25.78 -22.47 -6.64
CA TRP D 173 -25.40 -23.69 -7.36
C TRP D 173 -25.08 -24.88 -6.47
N PHE D 174 -24.82 -24.63 -5.18
CA PHE D 174 -24.66 -25.70 -4.20
C PHE D 174 -25.15 -25.33 -2.79
N ALA D 175 -26.03 -26.18 -2.26
CA ALA D 175 -26.51 -26.10 -0.90
C ALA D 175 -25.80 -27.16 -0.08
N ASP D 176 -25.28 -26.78 1.08
CA ASP D 176 -24.63 -27.74 1.97
C ASP D 176 -24.73 -27.23 3.40
N ARG D 177 -24.20 -28.01 4.33
CA ARG D 177 -24.14 -27.59 5.72
C ARG D 177 -22.77 -27.88 6.32
N TYR D 178 -22.51 -27.21 7.44
CA TYR D 178 -21.36 -27.46 8.32
C TYR D 178 -21.53 -28.63 9.29
N VAL D 179 -20.38 -29.18 9.68
CA VAL D 179 -20.32 -30.47 10.34
C VAL D 179 -19.06 -30.32 11.18
N VAL D 180 -19.02 -30.98 12.33
CA VAL D 180 -17.89 -30.96 13.21
C VAL D 180 -17.21 -32.25 12.91
N VAL D 181 -15.92 -32.12 12.64
CA VAL D 181 -15.04 -33.22 12.23
C VAL D 181 -13.98 -33.48 13.32
N ALA D 182 -13.70 -34.76 13.59
CA ALA D 182 -12.63 -35.18 14.50
C ALA D 182 -12.03 -36.47 13.95
N ARG D 183 -10.76 -36.75 14.19
CA ARG D 183 -10.22 -38.07 13.85
C ARG D 183 -11.07 -39.21 14.48
N ARG D 184 -11.18 -40.32 13.75
CA ARG D 184 -12.04 -41.42 14.17
C ARG D 184 -11.79 -41.92 15.60
N ASP D 185 -10.55 -42.08 15.96
CA ASP D 185 -10.23 -42.59 17.28
C ASP D 185 -9.93 -41.47 18.25
N HIS D 186 -10.62 -40.33 18.13
CA HIS D 186 -10.30 -39.19 19.03
C HIS D 186 -10.49 -39.72 20.51
N PRO D 187 -9.58 -39.41 21.46
CA PRO D 187 -9.78 -40.06 22.78
C PRO D 187 -11.08 -39.65 23.52
N ARG D 188 -11.72 -38.58 23.10
CA ARG D 188 -12.92 -38.26 23.87
C ARG D 188 -14.23 -37.96 23.13
N LEU D 189 -14.27 -38.44 21.89
CA LEU D 189 -15.44 -38.34 21.06
C LEU D 189 -15.62 -39.60 20.27
N ALA D 190 -16.78 -40.22 20.45
CA ALA D 190 -17.23 -41.24 19.51
C ALA D 190 -18.75 -41.05 19.24
N GLY D 191 -19.18 -39.80 19.20
CA GLY D 191 -20.55 -39.42 18.84
C GLY D 191 -20.52 -37.93 18.92
N ALA D 192 -21.61 -37.27 18.53
CA ALA D 192 -21.64 -35.83 18.44
C ALA D 192 -21.14 -35.23 19.73
N PRO D 193 -20.33 -34.15 19.66
CA PRO D 193 -19.99 -33.49 20.95
C PRO D 193 -21.11 -32.56 21.52
N THR D 194 -21.17 -32.44 22.85
CA THR D 194 -22.10 -31.50 23.48
C THR D 194 -21.42 -30.20 23.31
N LEU D 195 -22.07 -29.10 23.71
CA LEU D 195 -21.43 -27.82 23.53
C LEU D 195 -20.21 -27.73 24.40
N GLU D 196 -20.33 -28.10 25.67
CA GLU D 196 -19.19 -28.12 26.59
C GLU D 196 -18.03 -29.02 26.06
N GLY D 197 -18.37 -30.17 25.48
CA GLY D 197 -17.38 -31.08 24.87
C GLY D 197 -16.68 -30.39 23.69
N TYR D 198 -17.48 -29.75 22.85
CA TYR D 198 -16.97 -28.94 21.75
C TYR D 198 -15.99 -27.86 22.21
N LEU D 199 -16.39 -27.11 23.24
CA LEU D 199 -15.61 -25.99 23.71
C LEU D 199 -14.47 -26.36 24.64
N ALA D 200 -14.36 -27.64 24.99
CA ALA D 200 -13.21 -28.18 25.75
C ALA D 200 -12.02 -28.56 24.89
N GLU D 201 -12.27 -28.79 23.62
CA GLU D 201 -11.21 -29.18 22.72
C GLU D 201 -10.47 -27.96 22.16
N ARG D 202 -9.31 -28.18 21.47
CA ARG D 202 -8.68 -27.15 20.61
C ARG D 202 -9.16 -27.29 19.14
N HIS D 203 -9.05 -26.22 18.35
CA HIS D 203 -9.73 -26.21 17.04
C HIS D 203 -8.79 -25.81 15.88
N ALA D 204 -9.02 -26.39 14.71
CA ALA D 204 -8.47 -25.93 13.45
C ALA D 204 -9.54 -25.03 12.82
N VAL D 205 -9.13 -23.90 12.24
CA VAL D 205 -10.11 -22.97 11.63
C VAL D 205 -9.65 -22.55 10.24
N VAL D 206 -10.61 -22.46 9.33
CA VAL D 206 -10.28 -22.18 7.91
C VAL D 206 -10.57 -20.69 7.74
N THR D 207 -9.53 -19.92 7.44
CA THR D 207 -9.65 -18.48 7.14
C THR D 207 -9.17 -18.18 5.70
N PRO D 208 -10.04 -18.39 4.68
CA PRO D 208 -9.65 -18.46 3.26
C PRO D 208 -9.08 -17.17 2.70
N TRP D 209 -9.38 -16.06 3.36
CA TRP D 209 -8.86 -14.76 2.90
C TRP D 209 -7.95 -14.12 3.97
N ASN D 210 -7.22 -14.99 4.68
CA ASN D 210 -6.33 -14.60 5.79
C ASN D 210 -7.01 -13.70 6.80
N GLU D 211 -8.30 -13.94 7.07
CA GLU D 211 -9.00 -13.17 8.06
C GLU D 211 -8.56 -13.51 9.47
N ASP D 212 -8.95 -12.62 10.39
CA ASP D 212 -8.60 -12.67 11.79
C ASP D 212 -9.33 -13.81 12.54
N SER D 213 -10.55 -14.12 12.13
CA SER D 213 -11.28 -15.23 12.76
C SER D 213 -12.07 -15.99 11.70
N GLY D 214 -12.61 -17.17 12.06
CA GLY D 214 -13.38 -17.99 11.12
C GLY D 214 -14.83 -17.63 11.10
N VAL D 215 -15.56 -18.06 10.07
CA VAL D 215 -17.03 -17.88 10.06
C VAL D 215 -17.69 -18.46 11.34
N ILE D 216 -17.17 -19.58 11.84
CA ILE D 216 -17.74 -20.18 13.06
C ILE D 216 -17.32 -19.36 14.31
N ASP D 217 -16.15 -18.76 14.30
CA ASP D 217 -15.84 -17.88 15.40
C ASP D 217 -16.82 -16.69 15.51
N ARG D 218 -17.12 -16.08 14.37
CA ARG D 218 -18.02 -14.95 14.31
C ARG D 218 -19.42 -15.39 14.76
N LEU D 219 -19.82 -16.59 14.31
CA LEU D 219 -21.11 -17.17 14.68
C LEU D 219 -21.25 -17.37 16.19
N LEU D 220 -20.17 -17.90 16.78
CA LEU D 220 -20.13 -18.29 18.17
C LEU D 220 -20.18 -17.04 19.06
N ALA D 221 -19.40 -16.03 18.68
CA ALA D 221 -19.35 -14.74 19.39
C ALA D 221 -20.76 -14.11 19.52
N ARG D 222 -21.57 -14.22 18.46
CA ARG D 222 -22.94 -13.69 18.48
C ARG D 222 -23.74 -14.20 19.69
N SER D 223 -23.37 -15.39 20.20
CA SER D 223 -23.95 -15.98 21.42
C SER D 223 -23.03 -15.82 22.64
N GLY D 224 -22.00 -14.98 22.50
CA GLY D 224 -20.99 -14.80 23.56
C GLY D 224 -20.14 -16.02 23.89
N LEU D 225 -19.84 -16.82 22.87
CA LEU D 225 -18.95 -17.99 23.06
C LEU D 225 -17.68 -17.81 22.27
N ARG D 226 -16.65 -18.49 22.77
CA ARG D 226 -15.32 -18.42 22.22
C ARG D 226 -14.80 -19.84 22.17
N ARG D 227 -14.17 -20.25 21.07
CA ARG D 227 -13.53 -21.57 21.10
C ARG D 227 -12.03 -21.36 21.15
N GLU D 228 -11.28 -22.34 21.69
CA GLU D 228 -9.83 -22.25 21.72
C GLU D 228 -9.17 -22.72 20.36
N VAL D 229 -8.55 -21.79 19.63
CA VAL D 229 -7.98 -22.02 18.26
C VAL D 229 -6.54 -22.40 18.30
N ALA D 230 -6.23 -23.59 17.75
CA ALA D 230 -4.85 -23.99 17.65
C ALA D 230 -4.21 -23.60 16.34
N VAL D 231 -4.97 -23.72 15.25
CA VAL D 231 -4.44 -23.53 13.88
C VAL D 231 -5.45 -22.82 13.06
N GLN D 232 -4.97 -21.79 12.36
CA GLN D 232 -5.73 -21.10 11.31
C GLN D 232 -5.01 -21.35 10.01
N LEU D 233 -5.74 -21.66 8.94
CA LEU D 233 -5.12 -21.90 7.64
C LEU D 233 -6.19 -21.64 6.57
N PRO D 234 -5.77 -21.32 5.33
CA PRO D 234 -6.87 -20.93 4.36
C PRO D 234 -7.53 -22.04 3.60
N THR D 235 -7.06 -23.26 3.80
N THR D 235 -7.09 -23.26 3.81
CA THR D 235 -7.38 -24.44 2.98
CA THR D 235 -7.42 -24.36 2.93
C THR D 235 -8.19 -25.47 3.80
C THR D 235 -8.14 -25.48 3.72
N VAL D 236 -9.41 -25.74 3.35
CA VAL D 236 -10.27 -26.75 3.96
C VAL D 236 -9.73 -28.18 3.82
N LEU D 237 -9.20 -28.52 2.64
CA LEU D 237 -8.82 -29.85 2.34
C LEU D 237 -7.59 -30.22 3.16
N ALA D 238 -6.66 -29.29 3.31
CA ALA D 238 -5.50 -29.51 4.18
C ALA D 238 -5.93 -29.57 5.69
N ALA D 239 -6.93 -28.79 6.07
CA ALA D 239 -7.45 -28.67 7.42
C ALA D 239 -8.09 -30.02 7.83
N LEU D 240 -8.77 -30.66 6.88
CA LEU D 240 -9.28 -32.00 7.06
C LEU D 240 -8.22 -33.04 7.40
N PHE D 241 -7.09 -33.03 6.70
CA PHE D 241 -6.00 -33.91 7.07
C PHE D 241 -5.37 -33.57 8.43
N LEU D 242 -5.29 -32.29 8.74
CA LEU D 242 -4.82 -31.83 10.05
C LEU D 242 -5.70 -32.43 11.19
N ALA D 243 -7.01 -32.26 11.06
CA ALA D 243 -7.95 -32.83 12.01
C ALA D 243 -7.74 -34.37 12.11
N GLY D 244 -7.45 -35.06 11.00
CA GLY D 244 -7.27 -36.54 11.02
C GLY D 244 -6.02 -37.00 11.75
N SER D 245 -5.02 -36.12 11.92
CA SER D 245 -3.80 -36.55 12.63
C SER D 245 -3.61 -35.88 13.98
N THR D 246 -4.65 -35.22 14.50
CA THR D 246 -4.56 -34.52 15.78
C THR D 246 -5.84 -34.73 16.56
N ASP D 247 -5.87 -34.17 17.79
CA ASP D 247 -7.14 -34.18 18.51
C ASP D 247 -7.91 -32.86 18.31
N PHE D 248 -7.55 -32.11 17.28
CA PHE D 248 -8.30 -30.89 16.91
C PHE D 248 -9.60 -31.18 16.20
N LEU D 249 -10.59 -30.35 16.49
CA LEU D 249 -11.86 -30.39 15.82
C LEU D 249 -11.89 -29.29 14.75
N LEU D 250 -12.55 -29.59 13.63
CA LEU D 250 -12.60 -28.66 12.54
C LEU D 250 -14.06 -28.55 12.28
N THR D 251 -14.59 -27.35 12.10
CA THR D 251 -16.04 -27.25 11.74
C THR D 251 -16.04 -26.79 10.29
N ALA D 252 -16.50 -27.65 9.37
CA ALA D 252 -16.24 -27.50 7.93
C ALA D 252 -17.39 -28.05 7.11
N PRO D 253 -17.47 -27.69 5.79
CA PRO D 253 -18.58 -28.12 4.91
C PRO D 253 -18.54 -29.63 4.75
N ARG D 254 -19.73 -30.23 4.86
CA ARG D 254 -19.97 -31.68 4.89
C ARG D 254 -19.52 -32.34 3.58
N HIS D 255 -19.83 -31.68 2.46
CA HIS D 255 -19.43 -32.17 1.14
C HIS D 255 -17.94 -32.45 1.13
N ALA D 256 -17.11 -31.51 1.59
CA ALA D 256 -15.62 -31.71 1.70
C ALA D 256 -15.24 -32.83 2.74
N ALA D 257 -15.83 -32.76 3.93
CA ALA D 257 -15.55 -33.73 4.98
C ALA D 257 -15.87 -35.15 4.55
N ARG D 258 -17.04 -35.39 3.92
CA ARG D 258 -17.37 -36.77 3.39
C ARG D 258 -16.36 -37.33 2.40
N ALA D 259 -15.92 -36.45 1.52
CA ALA D 259 -14.92 -36.78 0.53
C ALA D 259 -13.63 -37.22 1.14
N LEU D 260 -13.22 -36.62 2.27
CA LEU D 260 -11.93 -36.93 2.90
C LEU D 260 -12.09 -37.85 4.09
N ALA D 261 -13.33 -38.22 4.43
CA ALA D 261 -13.54 -38.98 5.68
C ALA D 261 -12.70 -40.23 5.72
N GLU D 262 -12.67 -41.05 4.67
CA GLU D 262 -11.80 -42.22 4.71
C GLU D 262 -10.31 -41.92 4.56
N ALA D 263 -9.97 -41.00 3.65
CA ALA D 263 -8.57 -40.73 3.36
C ALA D 263 -7.83 -40.17 4.59
N ALA D 264 -8.51 -39.26 5.31
CA ALA D 264 -7.93 -38.58 6.50
C ALA D 264 -8.28 -39.29 7.81
N GLY D 265 -9.30 -40.19 7.77
CA GLY D 265 -9.66 -41.02 8.97
C GLY D 265 -10.54 -40.23 9.94
N LEU D 266 -11.68 -39.74 9.42
CA LEU D 266 -12.39 -38.76 10.21
C LEU D 266 -13.73 -39.27 10.56
N ALA D 267 -14.29 -38.71 11.62
CA ALA D 267 -15.64 -38.94 12.00
C ALA D 267 -16.36 -37.62 11.77
N LEU D 268 -17.62 -37.70 11.42
CA LEU D 268 -18.41 -36.53 11.12
C LEU D 268 -19.63 -36.45 12.03
N TYR D 269 -19.82 -35.28 12.64
CA TYR D 269 -20.88 -35.00 13.64
C TYR D 269 -21.64 -33.70 13.38
N PRO D 270 -22.94 -33.66 13.76
CA PRO D 270 -23.58 -32.34 13.71
C PRO D 270 -23.00 -31.48 14.84
N ALA D 271 -23.15 -30.17 14.72
CA ALA D 271 -22.62 -29.24 15.69
C ALA D 271 -23.58 -29.13 16.88
N PRO D 272 -23.06 -28.88 18.12
CA PRO D 272 -24.04 -28.78 19.19
C PRO D 272 -24.75 -27.43 19.22
N PHE D 273 -24.61 -26.65 18.16
CA PHE D 273 -25.17 -25.30 18.13
C PHE D 273 -25.67 -25.03 16.73
N ASP D 274 -26.42 -23.94 16.57
CA ASP D 274 -27.09 -23.71 15.31
C ASP D 274 -26.19 -23.01 14.34
N ILE D 275 -25.96 -23.73 13.23
CA ILE D 275 -25.28 -23.21 12.07
C ILE D 275 -26.24 -23.23 10.90
N PRO D 276 -26.57 -22.06 10.37
CA PRO D 276 -27.50 -21.99 9.23
C PRO D 276 -26.85 -22.69 8.01
N PRO D 277 -27.63 -23.51 7.27
CA PRO D 277 -26.98 -24.19 6.13
C PRO D 277 -26.64 -23.15 5.08
N TYR D 278 -25.50 -23.30 4.43
CA TYR D 278 -25.00 -22.26 3.52
C TYR D 278 -25.33 -22.62 2.05
N VAL D 279 -25.20 -21.63 1.17
CA VAL D 279 -25.34 -21.86 -0.27
C VAL D 279 -24.09 -21.36 -0.98
N LEU D 280 -23.51 -22.18 -1.84
CA LEU D 280 -22.45 -21.70 -2.71
C LEU D 280 -23.10 -20.97 -3.87
N ARG D 281 -22.60 -19.75 -4.10
CA ARG D 281 -23.13 -18.88 -5.12
C ARG D 281 -22.08 -18.56 -6.16
N LEU D 282 -22.56 -18.26 -7.36
CA LEU D 282 -21.71 -17.68 -8.42
C LEU D 282 -21.93 -16.16 -8.48
N TYR D 283 -20.85 -15.40 -8.44
CA TYR D 283 -20.95 -13.96 -8.43
C TYR D 283 -20.47 -13.37 -9.73
N SER D 284 -21.24 -12.41 -10.25
CA SER D 284 -20.88 -11.66 -11.45
C SER D 284 -21.32 -10.19 -11.38
N HIS D 285 -20.56 -9.35 -12.09
CA HIS D 285 -20.92 -7.97 -12.35
C HIS D 285 -21.95 -7.92 -13.46
N VAL D 286 -23.07 -7.25 -13.18
CA VAL D 286 -24.18 -7.17 -14.14
C VAL D 286 -23.74 -6.39 -15.40
N GLN D 287 -22.87 -5.39 -15.20
CA GLN D 287 -21.88 -4.92 -16.19
C GLN D 287 -21.91 -3.39 -16.43
N ARG D 291 -23.79 -10.43 -22.04
CA ARG D 291 -22.58 -11.17 -22.43
C ARG D 291 -22.92 -12.65 -22.47
N ASP D 292 -22.98 -13.25 -23.66
CA ASP D 292 -23.47 -14.63 -23.76
C ASP D 292 -22.55 -15.67 -23.18
N ALA D 293 -21.23 -15.39 -23.18
CA ALA D 293 -20.21 -16.25 -22.56
C ALA D 293 -20.54 -16.42 -21.05
N HIS D 294 -20.82 -15.28 -20.39
CA HIS D 294 -21.25 -15.25 -18.99
C HIS D 294 -22.57 -15.94 -18.73
N ALA D 295 -23.57 -15.67 -19.57
CA ALA D 295 -24.87 -16.30 -19.42
C ALA D 295 -24.76 -17.78 -19.66
N TRP D 296 -23.87 -18.20 -20.56
CA TRP D 296 -23.69 -19.60 -20.81
C TRP D 296 -23.12 -20.28 -19.53
N MET D 297 -22.15 -19.65 -18.88
CA MET D 297 -21.50 -20.29 -17.75
C MET D 297 -22.55 -20.41 -16.66
N ILE D 298 -23.27 -19.31 -16.41
CA ILE D 298 -24.40 -19.31 -15.46
C ILE D 298 -25.33 -20.49 -15.68
N GLY D 299 -25.72 -20.74 -16.94
CA GLY D 299 -26.58 -21.87 -17.33
C GLY D 299 -25.96 -23.26 -17.10
N GLN D 300 -24.63 -23.31 -17.07
CA GLN D 300 -23.90 -24.55 -16.85
C GLN D 300 -23.85 -25.00 -15.38
N LEU D 301 -23.54 -24.10 -14.46
CA LEU D 301 -23.64 -24.41 -13.01
C LEU D 301 -25.10 -24.71 -12.62
N LYS D 302 -26.00 -23.83 -13.03
CA LYS D 302 -27.43 -24.06 -13.00
C LYS D 302 -27.78 -25.55 -12.99
N GLY D 303 -27.50 -26.23 -14.10
CA GLY D 303 -28.06 -27.55 -14.36
C GLY D 303 -27.12 -28.64 -13.98
N LEU D 304 -26.26 -28.34 -13.00
CA LEU D 304 -25.19 -29.22 -12.55
C LEU D 304 -25.54 -29.99 -11.28
N ASP D 305 -24.97 -31.19 -11.10
CA ASP D 305 -25.06 -31.91 -9.81
C ASP D 305 -23.72 -32.06 -9.05
#